data_7YHA
#
_entry.id   7YHA
#
_cell.length_a   51.915
_cell.length_b   104.938
_cell.length_c   103.686
_cell.angle_alpha   90.000
_cell.angle_beta   94.610
_cell.angle_gamma   90.000
#
_symmetry.space_group_name_H-M   'P 1 21 1'
#
loop_
_entity.id
_entity.type
_entity.pdbx_description
1 polymer 'Beta-lactamase class B IMP-1'
2 non-polymer 'ZINC ION'
3 non-polymer '[3-[4-(4-methylphenyl)-1,2,3-triazol-1-yl]phenyl]methylphosphonic acid'
4 water water
#
_entity_poly.entity_id   1
_entity_poly.type   'polypeptide(L)'
_entity_poly.pdbx_seq_one_letter_code
;SLPDLKIEKLDEGVYVHTSFEEVNGWGVVPKHGLVVLVNAEAYLIDTPFTAKDTEKLVTWFVERGYKIKGSISSHFHSDS
TGGIEWLNSRSIPTYASELTNELLKKDGKVQATNSFSGVNYWLVKNKIEVFYPGPGHTPDNVVVWLPERKILFGGCFIKP
YGLGNLGDANIEAWPKSAKLLKSKYGKAKLVVPSHSEVGDASLLKLTLEQAVKGLNESK
;
_entity_poly.pdbx_strand_id   A,B,C,D
#
# COMPACT_ATOMS: atom_id res chain seq x y z
N SER A 1 -0.64 -3.62 -28.99
CA SER A 1 -1.23 -2.30 -29.21
C SER A 1 -2.48 -2.09 -28.37
N LEU A 2 -2.92 -0.85 -28.30
CA LEU A 2 -3.95 -0.41 -27.38
C LEU A 2 -5.18 0.10 -28.11
N PRO A 3 -6.38 -0.18 -27.59
CA PRO A 3 -7.58 0.42 -28.16
C PRO A 3 -7.57 1.94 -28.02
N ASP A 4 -8.33 2.58 -28.90
CA ASP A 4 -8.50 4.02 -28.85
C ASP A 4 -9.24 4.45 -27.58
N LEU A 5 -8.99 5.70 -27.19
CA LEU A 5 -9.85 6.37 -26.23
C LEU A 5 -11.31 6.28 -26.67
N LYS A 6 -12.18 5.84 -25.77
CA LYS A 6 -13.62 5.80 -26.01
C LYS A 6 -14.29 6.88 -25.16
N ILE A 7 -15.29 7.55 -25.74
CA ILE A 7 -16.12 8.49 -25.01
C ILE A 7 -17.56 8.17 -25.35
N GLU A 8 -18.35 7.86 -24.34
CA GLU A 8 -19.73 7.47 -24.55
C GLU A 8 -20.57 8.23 -23.54
N LYS A 9 -21.74 8.67 -23.98
CA LYS A 9 -22.65 9.37 -23.09
C LYS A 9 -23.26 8.37 -22.11
N LEU A 10 -23.28 8.73 -20.84
CA LEU A 10 -23.88 7.88 -19.83
C LEU A 10 -25.26 8.37 -19.40
N ASP A 11 -25.44 9.69 -19.33
CA ASP A 11 -26.65 10.34 -18.87
C ASP A 11 -26.59 11.79 -19.37
N GLU A 12 -27.61 12.57 -19.03
CA GLU A 12 -27.62 13.98 -19.41
C GLU A 12 -26.44 14.69 -18.77
N GLY A 13 -25.60 15.32 -19.60
CA GLY A 13 -24.44 16.05 -19.15
C GLY A 13 -23.32 15.21 -18.60
N VAL A 14 -23.34 13.89 -18.81
CA VAL A 14 -22.43 12.97 -18.14
C VAL A 14 -21.89 11.96 -19.15
N TYR A 15 -20.57 11.94 -19.31
CA TYR A 15 -19.89 11.03 -20.22
C TYR A 15 -18.89 10.16 -19.47
N VAL A 16 -18.71 8.94 -19.98
CA VAL A 16 -17.68 8.04 -19.47
C VAL A 16 -16.56 8.01 -20.51
N HIS A 17 -15.34 8.31 -20.08
CA HIS A 17 -14.18 8.12 -20.94
C HIS A 17 -13.42 6.90 -20.50
N THR A 18 -13.06 6.04 -21.44
CA THR A 18 -12.28 4.85 -21.16
C THR A 18 -11.00 4.91 -21.98
N SER A 19 -9.87 4.81 -21.28
CA SER A 19 -8.57 4.73 -21.91
C SER A 19 -7.93 3.41 -21.49
N PHE A 20 -6.81 3.07 -22.11
CA PHE A 20 -6.18 1.77 -21.93
C PHE A 20 -4.66 1.93 -21.86
N GLU A 21 -4.00 0.98 -21.20
CA GLU A 21 -2.55 0.96 -21.25
C GLU A 21 -2.04 -0.46 -21.05
N GLU A 22 -0.79 -0.68 -21.47
CA GLU A 22 -0.09 -1.93 -21.21
C GLU A 22 0.57 -1.89 -19.84
N VAL A 23 0.29 -2.91 -19.00
CA VAL A 23 0.94 -3.11 -17.72
C VAL A 23 1.66 -4.45 -17.74
N ASN A 24 2.89 -4.48 -17.24
CA ASN A 24 3.67 -5.71 -17.19
C ASN A 24 2.90 -6.80 -16.47
N GLY A 25 2.86 -7.99 -17.07
CA GLY A 25 2.15 -9.10 -16.45
C GLY A 25 0.65 -9.13 -16.71
N TRP A 26 -0.01 -7.96 -16.70
CA TRP A 26 -1.46 -7.94 -16.92
C TRP A 26 -1.83 -7.88 -18.40
N GLY A 27 -1.01 -7.25 -19.25
CA GLY A 27 -1.41 -6.95 -20.61
C GLY A 27 -2.12 -5.60 -20.71
N VAL A 28 -3.11 -5.50 -21.61
CA VAL A 28 -3.89 -4.27 -21.74
C VAL A 28 -4.94 -4.22 -20.64
N VAL A 29 -5.07 -3.06 -19.99
CA VAL A 29 -6.07 -2.83 -18.95
C VAL A 29 -6.89 -1.59 -19.26
N PRO A 30 -8.15 -1.54 -18.81
CA PRO A 30 -8.99 -0.36 -19.02
C PRO A 30 -9.05 0.58 -17.81
N LYS A 31 -9.41 1.84 -18.05
CA LYS A 31 -9.62 2.79 -16.96
C LYS A 31 -10.76 3.70 -17.37
N HIS A 32 -11.80 3.79 -16.54
CA HIS A 32 -12.91 4.69 -16.78
C HIS A 32 -12.74 5.96 -15.95
N GLY A 33 -13.11 7.09 -16.55
CA GLY A 33 -13.34 8.35 -15.86
C GLY A 33 -14.58 9.00 -16.43
N LEU A 34 -14.90 10.21 -16.00
CA LEU A 34 -16.07 10.94 -16.47
C LEU A 34 -15.66 12.30 -17.01
N VAL A 35 -16.51 12.84 -17.89
CA VAL A 35 -16.55 14.28 -18.18
C VAL A 35 -17.95 14.76 -17.81
N VAL A 36 -18.03 15.80 -16.98
CA VAL A 36 -19.29 16.36 -16.54
C VAL A 36 -19.48 17.73 -17.15
N LEU A 37 -20.64 17.95 -17.77
CA LEU A 37 -20.96 19.24 -18.39
C LEU A 37 -21.73 20.08 -17.38
N VAL A 38 -21.21 21.27 -17.09
CA VAL A 38 -21.92 22.28 -16.33
C VAL A 38 -22.17 23.42 -17.30
N ASN A 39 -23.41 23.52 -17.78
CA ASN A 39 -23.80 24.51 -18.78
C ASN A 39 -22.89 24.41 -19.99
N ALA A 40 -22.14 25.47 -20.26
CA ALA A 40 -21.28 25.53 -21.43
C ALA A 40 -19.86 25.07 -21.15
N GLU A 41 -19.63 24.35 -20.04
CA GLU A 41 -18.28 24.04 -19.63
C GLU A 41 -18.20 22.58 -19.16
N ALA A 42 -17.00 22.04 -19.28
CA ALA A 42 -16.75 20.62 -19.04
C ALA A 42 -15.72 20.48 -17.92
N TYR A 43 -15.94 19.49 -17.05
CA TYR A 43 -14.99 19.13 -16.02
C TYR A 43 -14.57 17.68 -16.21
N LEU A 44 -13.27 17.42 -16.14
CA LEU A 44 -12.79 16.04 -16.17
C LEU A 44 -12.82 15.43 -14.77
N ILE A 45 -13.36 14.22 -14.67
CA ILE A 45 -13.31 13.42 -13.44
C ILE A 45 -12.31 12.30 -13.71
N ASP A 46 -11.07 12.48 -13.23
CA ASP A 46 -9.88 11.69 -13.63
C ASP A 46 -9.48 11.97 -15.07
N THR A 47 -8.13 11.95 -15.37
CA THR A 47 -7.61 12.04 -16.72
C THR A 47 -7.27 10.65 -17.27
N PRO A 48 -7.18 10.51 -18.56
CA PRO A 48 -6.64 9.27 -19.10
C PRO A 48 -5.20 9.00 -18.67
N PHE A 49 -4.67 7.85 -19.05
CA PHE A 49 -3.35 7.44 -18.60
C PHE A 49 -2.26 8.41 -19.06
N THR A 50 -2.39 8.97 -20.25
CA THR A 50 -1.29 9.69 -20.87
C THR A 50 -1.69 11.13 -21.14
N ALA A 51 -0.67 11.94 -21.41
CA ALA A 51 -0.90 13.27 -21.97
C ALA A 51 -1.72 13.18 -23.25
N LYS A 52 -1.35 12.25 -24.14
CA LYS A 52 -1.91 12.25 -25.49
C LYS A 52 -3.40 11.96 -25.48
N ASP A 53 -3.86 11.06 -24.60
CA ASP A 53 -5.29 10.82 -24.55
C ASP A 53 -6.03 11.93 -23.78
N THR A 54 -5.37 12.58 -22.82
CA THR A 54 -6.02 13.72 -22.17
C THR A 54 -6.30 14.81 -23.18
N GLU A 55 -5.35 15.06 -24.09
CA GLU A 55 -5.57 16.06 -25.13
C GLU A 55 -6.71 15.67 -26.05
N LYS A 56 -6.74 14.39 -26.49
CA LYS A 56 -7.86 13.93 -27.32
C LYS A 56 -9.18 14.07 -26.57
N LEU A 57 -9.20 13.71 -25.29
CA LEU A 57 -10.37 13.96 -24.45
C LEU A 57 -10.74 15.44 -24.46
N VAL A 58 -9.81 16.30 -24.04
CA VAL A 58 -10.08 17.74 -23.99
C VAL A 58 -10.57 18.24 -25.34
N THR A 59 -9.86 17.89 -26.41
CA THR A 59 -10.20 18.37 -27.74
C THR A 59 -11.63 17.99 -28.12
N TRP A 60 -12.01 16.73 -27.90
CA TRP A 60 -13.36 16.26 -28.27
C TRP A 60 -14.45 17.18 -27.73
N PHE A 61 -14.30 17.68 -26.51
CA PHE A 61 -15.34 18.52 -25.94
C PHE A 61 -15.19 19.99 -26.31
N VAL A 62 -13.95 20.48 -26.43
CA VAL A 62 -13.74 21.83 -26.94
C VAL A 62 -14.35 21.97 -28.34
N GLU A 63 -14.11 20.99 -29.20
CA GLU A 63 -14.63 21.02 -30.57
C GLU A 63 -16.15 21.01 -30.61
N ARG A 64 -16.80 20.56 -29.54
CA ARG A 64 -18.26 20.52 -29.47
C ARG A 64 -18.82 21.67 -28.64
N GLY A 65 -18.00 22.68 -28.35
CA GLY A 65 -18.47 23.91 -27.74
C GLY A 65 -18.32 24.03 -26.23
N TYR A 66 -17.54 23.17 -25.59
CA TYR A 66 -17.40 23.18 -24.14
C TYR A 66 -15.98 23.53 -23.76
N LYS A 67 -15.80 24.68 -23.12
CA LYS A 67 -14.52 24.99 -22.50
C LYS A 67 -14.24 24.01 -21.37
N ILE A 68 -12.99 23.59 -21.25
CA ILE A 68 -12.58 22.77 -20.11
C ILE A 68 -12.35 23.70 -18.92
N LYS A 69 -13.23 23.62 -17.93
CA LYS A 69 -13.11 24.46 -16.74
C LYS A 69 -12.08 23.92 -15.77
N GLY A 70 -12.01 22.61 -15.61
CA GLY A 70 -11.13 22.02 -14.60
C GLY A 70 -11.13 20.52 -14.67
N SER A 71 -10.25 19.93 -13.86
CA SER A 71 -10.03 18.49 -13.83
C SER A 71 -9.71 18.06 -12.41
N ILE A 72 -10.38 17.01 -11.93
CA ILE A 72 -10.13 16.54 -10.58
C ILE A 72 -9.71 15.07 -10.62
N SER A 73 -8.71 14.72 -9.81
CA SER A 73 -8.20 13.35 -9.72
C SER A 73 -8.61 12.73 -8.39
N SER A 74 -9.18 11.53 -8.46
CA SER A 74 -9.70 10.86 -7.28
C SER A 74 -8.61 10.33 -6.38
N HIS A 75 -7.38 10.14 -6.88
CA HIS A 75 -6.26 9.63 -6.09
C HIS A 75 -5.00 9.70 -6.95
N PHE A 76 -3.86 9.32 -6.35
CA PHE A 76 -2.56 9.69 -6.94
C PHE A 76 -2.09 8.75 -8.04
N HIS A 77 -2.56 7.50 -8.09
CA HIS A 77 -2.10 6.56 -9.12
C HIS A 77 -2.32 7.14 -10.50
N SER A 78 -1.47 6.73 -11.44
CA SER A 78 -1.43 7.44 -12.72
C SER A 78 -2.60 7.09 -13.63
N ASP A 79 -3.50 6.20 -13.21
CA ASP A 79 -4.73 6.06 -13.97
C ASP A 79 -5.72 7.19 -13.67
N SER A 80 -5.48 7.98 -12.63
CA SER A 80 -6.28 9.18 -12.36
C SER A 80 -5.56 10.49 -12.63
N THR A 81 -4.22 10.49 -12.65
CA THR A 81 -3.41 11.71 -12.67
C THR A 81 -2.49 11.84 -13.88
N GLY A 82 -2.49 10.88 -14.82
CA GLY A 82 -1.50 10.90 -15.88
C GLY A 82 -1.50 12.17 -16.70
N GLY A 83 -2.67 12.78 -16.88
CA GLY A 83 -2.74 13.98 -17.70
C GLY A 83 -2.51 15.31 -16.97
N ILE A 84 -2.20 15.28 -15.68
CA ILE A 84 -2.11 16.52 -14.90
C ILE A 84 -1.00 17.40 -15.43
N GLU A 85 0.13 16.79 -15.81
CA GLU A 85 1.23 17.57 -16.41
C GLU A 85 0.76 18.31 -17.63
N TRP A 86 0.09 17.60 -18.55
CA TRP A 86 -0.39 18.24 -19.77
C TRP A 86 -1.40 19.34 -19.47
N LEU A 87 -2.43 19.03 -18.66
CA LEU A 87 -3.43 20.03 -18.30
C LEU A 87 -2.78 21.31 -17.76
N ASN A 88 -1.85 21.14 -16.83
CA ASN A 88 -1.20 22.30 -16.23
C ASN A 88 -0.45 23.10 -17.28
N SER A 89 0.22 22.41 -18.21
CA SER A 89 0.99 23.10 -19.22
C SER A 89 0.10 23.92 -20.12
N ARG A 90 -1.22 23.63 -20.12
CA ARG A 90 -2.23 24.35 -20.88
C ARG A 90 -3.04 25.34 -20.04
N SER A 91 -2.69 25.51 -18.76
CA SER A 91 -3.39 26.42 -17.86
C SER A 91 -4.83 25.99 -17.61
N ILE A 92 -5.10 24.70 -17.70
CA ILE A 92 -6.39 24.14 -17.32
C ILE A 92 -6.33 23.75 -15.86
N PRO A 93 -7.14 24.34 -14.98
CA PRO A 93 -7.03 24.07 -13.55
C PRO A 93 -7.22 22.60 -13.22
N THR A 94 -6.30 22.07 -12.42
CA THR A 94 -6.35 20.68 -11.94
C THR A 94 -6.53 20.70 -10.45
N TYR A 95 -7.28 19.73 -9.94
CA TYR A 95 -7.57 19.64 -8.51
C TYR A 95 -7.23 18.25 -7.98
N ALA A 96 -6.71 18.18 -6.75
CA ALA A 96 -6.60 16.91 -6.07
C ALA A 96 -6.56 17.21 -4.59
N SER A 97 -6.87 16.20 -3.79
CA SER A 97 -6.76 16.42 -2.36
C SER A 97 -5.31 16.67 -2.02
N GLU A 98 -5.13 17.46 -0.94
CA GLU A 98 -3.83 17.65 -0.31
C GLU A 98 -3.10 16.33 -0.10
N LEU A 99 -3.84 15.28 0.29
CA LEU A 99 -3.24 13.97 0.48
C LEU A 99 -2.77 13.40 -0.84
N THR A 100 -3.56 13.58 -1.91
CA THR A 100 -3.12 13.15 -3.23
C THR A 100 -1.87 13.90 -3.66
N ASN A 101 -1.81 15.21 -3.39
CA ASN A 101 -0.70 16.02 -3.87
C ASN A 101 0.60 15.63 -3.20
N GLU A 102 0.57 15.42 -1.89
CA GLU A 102 1.72 14.84 -1.20
C GLU A 102 2.23 13.58 -1.91
N LEU A 103 1.32 12.67 -2.26
CA LEU A 103 1.77 11.37 -2.77
C LEU A 103 2.28 11.50 -4.20
N LEU A 104 1.78 12.50 -4.93
CA LEU A 104 2.32 12.80 -6.24
C LEU A 104 3.74 13.35 -6.13
N LYS A 105 3.92 14.40 -5.32
CA LYS A 105 5.25 14.98 -5.12
C LYS A 105 6.26 13.91 -4.74
N LYS A 106 5.85 13.05 -3.78
CA LYS A 106 6.71 12.02 -3.22
C LYS A 106 7.15 11.02 -4.28
N ASP A 107 6.34 10.80 -5.31
CA ASP A 107 6.73 9.93 -6.42
C ASP A 107 7.33 10.69 -7.58
N GLY A 108 7.72 11.95 -7.38
CA GLY A 108 8.28 12.71 -8.48
C GLY A 108 7.31 12.95 -9.60
N LYS A 109 6.04 13.20 -9.27
CA LYS A 109 5.02 13.45 -10.28
C LYS A 109 4.49 14.87 -10.14
N VAL A 110 4.08 15.44 -11.27
CA VAL A 110 3.48 16.77 -11.30
C VAL A 110 2.18 16.75 -10.50
N GLN A 111 2.01 17.73 -9.61
CA GLN A 111 0.86 17.89 -8.73
C GLN A 111 -0.25 18.71 -9.37
N ALA A 112 -1.47 18.51 -8.87
CA ALA A 112 -2.55 19.43 -9.20
C ALA A 112 -2.21 20.83 -8.70
N THR A 113 -2.69 21.85 -9.43
CA THR A 113 -2.39 23.23 -9.11
C THR A 113 -3.16 23.69 -7.89
N ASN A 114 -4.34 23.14 -7.69
CA ASN A 114 -5.24 23.49 -6.60
C ASN A 114 -5.48 22.26 -5.77
N SER A 115 -5.72 22.45 -4.49
CA SER A 115 -5.98 21.31 -3.64
C SER A 115 -7.13 21.61 -2.71
N PHE A 116 -7.62 20.57 -2.10
CA PHE A 116 -8.74 20.68 -1.19
C PHE A 116 -8.51 19.66 -0.09
N SER A 117 -9.30 19.76 0.97
CA SER A 117 -9.05 18.92 2.11
C SER A 117 -10.38 18.47 2.72
N GLY A 118 -10.28 17.55 3.66
CA GLY A 118 -11.41 17.21 4.49
C GLY A 118 -12.35 16.25 3.81
N VAL A 119 -13.53 16.12 4.42
CA VAL A 119 -14.48 15.07 4.06
C VAL A 119 -15.27 15.46 2.82
N ASN A 120 -15.84 16.67 2.82
CA ASN A 120 -16.72 17.14 1.76
C ASN A 120 -16.12 18.39 1.14
N TYR A 121 -15.99 18.39 -0.18
CA TYR A 121 -15.57 19.59 -0.91
C TYR A 121 -16.45 19.77 -2.12
N TRP A 122 -16.95 21.00 -2.33
CA TRP A 122 -17.66 21.36 -3.56
C TRP A 122 -16.65 21.83 -4.60
N LEU A 123 -16.43 21.03 -5.63
CA LEU A 123 -15.71 21.53 -6.80
C LEU A 123 -16.57 22.51 -7.58
N VAL A 124 -17.86 22.23 -7.70
CA VAL A 124 -18.86 23.11 -8.28
C VAL A 124 -20.10 22.94 -7.41
N LYS A 125 -20.44 23.97 -6.62
CA LYS A 125 -21.51 23.88 -5.65
C LYS A 125 -22.79 23.37 -6.30
N ASN A 126 -23.38 22.35 -5.67
CA ASN A 126 -24.64 21.71 -6.05
C ASN A 126 -24.55 20.92 -7.36
N LYS A 127 -23.36 20.75 -7.92
CA LYS A 127 -23.24 20.06 -9.19
C LYS A 127 -22.16 18.99 -9.22
N ILE A 128 -21.01 19.24 -8.58
CA ILE A 128 -19.92 18.26 -8.51
C ILE A 128 -19.37 18.29 -7.10
N GLU A 129 -19.59 17.22 -6.35
CA GLU A 129 -19.11 17.09 -4.98
C GLU A 129 -18.04 16.01 -4.87
N VAL A 130 -17.03 16.27 -4.05
CA VAL A 130 -15.96 15.32 -3.76
C VAL A 130 -16.12 14.88 -2.30
N PHE A 131 -16.09 13.57 -2.09
CA PHE A 131 -16.24 12.99 -0.76
C PHE A 131 -15.05 12.10 -0.45
N TYR A 132 -14.57 12.17 0.82
CA TYR A 132 -13.45 11.36 1.32
C TYR A 132 -14.00 10.32 2.29
N PRO A 133 -14.07 9.04 1.92
CA PRO A 133 -14.62 8.04 2.84
C PRO A 133 -13.63 7.47 3.84
N GLY A 134 -12.34 7.84 3.75
CA GLY A 134 -11.31 7.22 4.56
C GLY A 134 -10.44 6.33 3.70
N PRO A 135 -9.29 5.90 4.23
CA PRO A 135 -8.38 5.13 3.40
C PRO A 135 -9.02 3.83 2.95
N GLY A 136 -8.60 3.38 1.78
CA GLY A 136 -9.14 2.16 1.23
C GLY A 136 -8.22 1.65 0.15
N HIS A 137 -8.56 1.94 -1.10
CA HIS A 137 -7.70 1.46 -2.17
C HIS A 137 -6.34 2.14 -2.09
N THR A 138 -6.32 3.39 -1.63
CA THR A 138 -5.12 4.16 -1.35
C THR A 138 -5.41 5.04 -0.14
N PRO A 139 -4.39 5.68 0.44
CA PRO A 139 -4.67 6.55 1.58
C PRO A 139 -5.48 7.77 1.20
N ASP A 140 -5.42 8.20 -0.05
CA ASP A 140 -5.96 9.49 -0.44
C ASP A 140 -7.29 9.42 -1.18
N ASN A 141 -7.78 8.21 -1.47
CA ASN A 141 -8.87 8.05 -2.45
C ASN A 141 -10.11 8.82 -2.01
N VAL A 142 -10.69 9.56 -2.97
CA VAL A 142 -11.95 10.25 -2.82
C VAL A 142 -12.84 9.81 -3.97
N VAL A 143 -14.14 10.11 -3.83
CA VAL A 143 -15.14 9.80 -4.85
C VAL A 143 -15.78 11.13 -5.25
N VAL A 144 -16.40 11.15 -6.44
CA VAL A 144 -17.03 12.36 -6.95
C VAL A 144 -18.53 12.10 -7.12
N TRP A 145 -19.36 13.05 -6.67
CA TRP A 145 -20.80 12.88 -6.61
C TRP A 145 -21.48 13.97 -7.42
N LEU A 146 -22.37 13.55 -8.33
CA LEU A 146 -23.17 14.44 -9.17
C LEU A 146 -24.59 14.40 -8.64
N PRO A 147 -24.97 15.29 -7.72
CA PRO A 147 -26.28 15.12 -7.05
C PRO A 147 -27.47 15.29 -7.97
N GLU A 148 -27.37 16.12 -9.02
CA GLU A 148 -28.48 16.27 -9.96
C GLU A 148 -28.79 14.96 -10.67
N ARG A 149 -27.82 14.06 -10.82
CA ARG A 149 -28.02 12.81 -11.52
C ARG A 149 -27.98 11.60 -10.59
N LYS A 150 -27.57 11.77 -9.33
CA LYS A 150 -27.33 10.65 -8.41
C LYS A 150 -26.34 9.65 -9.01
N ILE A 151 -25.26 10.18 -9.55
CA ILE A 151 -24.18 9.41 -10.13
C ILE A 151 -22.94 9.57 -9.26
N LEU A 152 -22.35 8.46 -8.86
CA LEU A 152 -21.13 8.45 -8.06
C LEU A 152 -20.02 7.85 -8.91
N PHE A 153 -18.96 8.63 -9.20
CA PHE A 153 -17.75 8.05 -9.73
C PHE A 153 -16.90 7.54 -8.57
N GLY A 154 -16.65 6.25 -8.53
CA GLY A 154 -16.02 5.64 -7.37
C GLY A 154 -14.54 5.36 -7.51
N GLY A 155 -14.05 5.37 -8.75
CA GLY A 155 -12.61 5.24 -8.94
C GLY A 155 -12.14 3.85 -8.55
N CYS A 156 -10.89 3.76 -8.12
CA CYS A 156 -10.39 2.42 -7.85
C CYS A 156 -10.76 1.92 -6.45
N PHE A 157 -11.57 2.69 -5.75
CA PHE A 157 -12.16 2.25 -4.48
C PHE A 157 -13.27 1.23 -4.74
N ILE A 158 -13.98 1.34 -5.86
CA ILE A 158 -15.16 0.53 -6.10
C ILE A 158 -14.69 -0.78 -6.72
N LYS A 159 -14.64 -1.82 -5.89
CA LYS A 159 -14.01 -3.09 -6.23
C LYS A 159 -14.98 -4.20 -5.86
N PRO A 160 -15.98 -4.45 -6.72
CA PRO A 160 -17.02 -5.44 -6.35
C PRO A 160 -16.57 -6.88 -6.40
N TYR A 161 -15.62 -7.23 -7.25
CA TYR A 161 -15.18 -8.62 -7.37
C TYR A 161 -13.65 -8.64 -7.34
N GLY A 162 -13.10 -8.44 -6.14
CA GLY A 162 -11.67 -8.41 -5.93
C GLY A 162 -11.09 -7.01 -5.79
N LEU A 163 -10.29 -6.79 -4.75
CA LEU A 163 -9.82 -5.47 -4.36
C LEU A 163 -8.78 -4.86 -5.31
N GLY A 164 -8.21 -5.63 -6.22
CA GLY A 164 -7.20 -5.07 -7.10
C GLY A 164 -5.82 -5.02 -6.46
N ASN A 165 -5.02 -4.03 -6.89
CA ASN A 165 -3.64 -3.93 -6.44
C ASN A 165 -3.61 -3.39 -5.02
N LEU A 166 -2.99 -4.15 -4.10
CA LEU A 166 -2.99 -3.83 -2.69
C LEU A 166 -1.75 -3.06 -2.26
N GLY A 167 -0.86 -2.72 -3.18
CA GLY A 167 0.44 -2.17 -2.81
C GLY A 167 0.35 -0.90 -1.98
N ASP A 168 -0.60 -0.02 -2.31
CA ASP A 168 -0.84 1.20 -1.54
C ASP A 168 -2.14 1.14 -0.75
N ALA A 169 -2.77 -0.04 -0.65
CA ALA A 169 -4.06 -0.09 0.01
C ALA A 169 -3.91 -0.15 1.52
N ASN A 170 -5.00 0.20 2.21
CA ASN A 170 -5.11 0.15 3.67
C ASN A 170 -6.23 -0.84 3.98
N ILE A 171 -5.84 -2.09 4.22
CA ILE A 171 -6.82 -3.17 4.33
C ILE A 171 -7.60 -3.08 5.63
N GLU A 172 -6.99 -2.57 6.70
CA GLU A 172 -7.69 -2.43 7.97
C GLU A 172 -8.72 -1.32 7.96
N ALA A 173 -8.49 -0.24 7.20
CA ALA A 173 -9.41 0.90 7.16
C ALA A 173 -10.51 0.74 6.12
N TRP A 174 -10.25 0.01 5.03
CA TRP A 174 -11.18 -0.06 3.90
C TRP A 174 -12.60 -0.44 4.30
N PRO A 175 -12.84 -1.43 5.20
CA PRO A 175 -14.23 -1.75 5.58
C PRO A 175 -14.96 -0.57 6.20
N LYS A 176 -14.34 0.03 7.22
CA LYS A 176 -14.74 1.35 7.71
C LYS A 176 -15.12 2.26 6.55
N SER A 177 -14.16 2.53 5.67
CA SER A 177 -14.38 3.54 4.64
C SER A 177 -15.47 3.12 3.67
N ALA A 178 -15.53 1.83 3.33
CA ALA A 178 -16.61 1.32 2.49
C ALA A 178 -17.95 1.44 3.19
N LYS A 179 -17.99 1.20 4.50
CA LYS A 179 -19.26 1.34 5.20
C LYS A 179 -19.74 2.78 5.16
N LEU A 180 -18.85 3.74 5.41
CA LEU A 180 -19.23 5.14 5.34
C LEU A 180 -19.72 5.50 3.93
N LEU A 181 -18.97 5.07 2.91
CA LEU A 181 -19.39 5.32 1.54
C LEU A 181 -20.77 4.76 1.25
N LYS A 182 -21.02 3.52 1.67
CA LYS A 182 -22.33 2.91 1.44
C LYS A 182 -23.44 3.70 2.15
N SER A 183 -23.23 4.04 3.42
CA SER A 183 -24.24 4.82 4.12
C SER A 183 -24.50 6.15 3.44
N LYS A 184 -23.48 6.77 2.85
CA LYS A 184 -23.70 8.13 2.36
C LYS A 184 -24.35 8.15 0.98
N TYR A 185 -24.09 7.16 0.14
CA TYR A 185 -24.53 7.22 -1.25
C TYR A 185 -25.41 6.03 -1.63
N GLY A 186 -26.08 5.42 -0.65
CA GLY A 186 -26.97 4.32 -0.96
C GLY A 186 -28.08 4.67 -1.93
N LYS A 187 -28.37 5.95 -2.10
CA LYS A 187 -29.35 6.42 -3.05
C LYS A 187 -28.77 6.67 -4.43
N ALA A 188 -27.50 6.32 -4.65
CA ALA A 188 -26.92 6.52 -5.97
C ALA A 188 -27.74 5.75 -7.00
N LYS A 189 -28.02 6.40 -8.14
CA LYS A 189 -28.62 5.69 -9.25
C LYS A 189 -27.56 4.96 -10.08
N LEU A 190 -26.42 5.58 -10.32
CA LEU A 190 -25.33 4.92 -11.04
C LEU A 190 -24.05 5.06 -10.24
N VAL A 191 -23.27 3.99 -10.18
CA VAL A 191 -21.96 4.00 -9.55
C VAL A 191 -20.94 3.55 -10.59
N VAL A 192 -19.88 4.33 -10.74
CA VAL A 192 -18.96 4.16 -11.85
C VAL A 192 -17.61 3.73 -11.29
N PRO A 193 -17.21 2.48 -11.47
CA PRO A 193 -15.85 2.05 -11.10
C PRO A 193 -14.80 2.45 -12.13
N SER A 194 -13.54 2.40 -11.67
CA SER A 194 -12.39 2.64 -12.54
C SER A 194 -12.21 1.52 -13.57
N HIS A 195 -12.39 0.27 -13.15
CA HIS A 195 -11.92 -0.88 -13.91
C HIS A 195 -13.03 -1.90 -14.23
N SER A 196 -14.30 -1.56 -14.03
CA SER A 196 -15.39 -2.51 -14.30
C SER A 196 -16.63 -1.75 -14.74
N GLU A 197 -17.68 -2.52 -15.01
CA GLU A 197 -18.92 -1.99 -15.58
C GLU A 197 -19.59 -1.02 -14.62
N VAL A 198 -20.24 0.01 -15.18
CA VAL A 198 -21.17 0.83 -14.40
C VAL A 198 -22.24 -0.05 -13.78
N GLY A 199 -22.62 0.26 -12.55
CA GLY A 199 -23.70 -0.46 -11.92
C GLY A 199 -24.56 0.45 -11.07
N ASP A 200 -25.39 -0.11 -10.20
CA ASP A 200 -26.17 0.71 -9.31
C ASP A 200 -25.56 0.68 -7.91
N ALA A 201 -26.34 1.07 -6.90
CA ALA A 201 -25.85 1.20 -5.53
C ALA A 201 -25.38 -0.11 -4.94
N SER A 202 -25.67 -1.24 -5.57
CA SER A 202 -25.20 -2.51 -5.03
C SER A 202 -23.69 -2.68 -5.16
N LEU A 203 -23.04 -1.95 -6.07
CA LEU A 203 -21.58 -1.93 -6.09
C LEU A 203 -21.01 -1.45 -4.76
N LEU A 204 -21.75 -0.60 -4.05
CA LEU A 204 -21.32 -0.12 -2.74
C LEU A 204 -21.35 -1.26 -1.72
N LYS A 205 -22.38 -2.11 -1.76
CA LYS A 205 -22.45 -3.25 -0.85
C LYS A 205 -21.41 -4.32 -1.17
N LEU A 206 -21.20 -4.61 -2.46
CA LEU A 206 -20.20 -5.61 -2.84
C LEU A 206 -18.78 -5.16 -2.49
N THR A 207 -18.47 -3.86 -2.69
CA THR A 207 -17.16 -3.34 -2.31
C THR A 207 -16.91 -3.50 -0.81
N LEU A 208 -17.92 -3.18 0.00
CA LEU A 208 -17.79 -3.37 1.45
C LEU A 208 -17.54 -4.84 1.79
N GLU A 209 -18.30 -5.74 1.17
CA GLU A 209 -18.08 -7.17 1.37
C GLU A 209 -16.68 -7.58 0.95
N GLN A 210 -16.17 -7.03 -0.17
CA GLN A 210 -14.83 -7.40 -0.59
C GLN A 210 -13.78 -6.92 0.40
N ALA A 211 -13.91 -5.69 0.90
CA ALA A 211 -12.91 -5.16 1.82
C ALA A 211 -12.90 -5.96 3.12
N VAL A 212 -14.08 -6.29 3.65
CA VAL A 212 -14.17 -7.20 4.79
C VAL A 212 -13.44 -8.49 4.47
N LYS A 213 -13.74 -9.08 3.30
CA LYS A 213 -13.15 -10.35 2.91
C LYS A 213 -11.63 -10.21 2.80
N GLY A 214 -11.16 -9.12 2.18
CA GLY A 214 -9.73 -8.89 2.10
C GLY A 214 -9.08 -8.78 3.46
N LEU A 215 -9.74 -8.12 4.40
CA LEU A 215 -9.22 -8.02 5.77
C LEU A 215 -9.24 -9.36 6.48
N ASN A 216 -10.26 -10.19 6.21
CA ASN A 216 -10.27 -11.55 6.74
C ASN A 216 -9.12 -12.37 6.18
N GLU A 217 -8.93 -12.31 4.85
CA GLU A 217 -7.87 -13.08 4.20
C GLU A 217 -6.52 -12.80 4.86
N SER A 218 -6.21 -11.54 5.15
CA SER A 218 -4.87 -11.20 5.59
C SER A 218 -4.52 -11.74 6.98
N LYS A 219 -5.25 -12.74 7.46
CA LYS A 219 -5.03 -13.31 8.79
C LYS A 219 -5.15 -14.84 8.81
N SER B 1 41.83 -19.53 -5.26
CA SER B 1 41.46 -18.15 -4.95
C SER B 1 40.27 -18.03 -3.99
N LEU B 2 39.65 -16.87 -4.00
CA LEU B 2 38.61 -16.50 -3.06
C LEU B 2 37.34 -16.12 -3.80
N PRO B 3 36.18 -16.36 -3.20
CA PRO B 3 34.94 -15.79 -3.74
C PRO B 3 34.97 -14.27 -3.63
N ASP B 4 34.23 -13.63 -4.54
CA ASP B 4 34.10 -12.18 -4.53
C ASP B 4 33.31 -11.74 -3.31
N LEU B 5 33.60 -10.53 -2.87
CA LEU B 5 32.75 -9.84 -1.92
C LEU B 5 31.29 -10.00 -2.33
N LYS B 6 30.46 -10.37 -1.37
CA LYS B 6 29.02 -10.52 -1.54
C LYS B 6 28.31 -9.43 -0.75
N ILE B 7 27.30 -8.82 -1.35
CA ILE B 7 26.51 -7.80 -0.67
C ILE B 7 25.05 -8.14 -0.93
N GLU B 8 24.30 -8.38 0.13
CA GLU B 8 22.93 -8.87 0.01
C GLU B 8 22.07 -8.17 1.03
N LYS B 9 20.90 -7.74 0.59
CA LYS B 9 19.96 -7.06 1.46
C LYS B 9 19.35 -8.06 2.43
N LEU B 10 19.21 -7.63 3.68
CA LEU B 10 18.62 -8.45 4.72
C LEU B 10 17.27 -7.92 5.19
N ASP B 11 17.07 -6.61 5.12
CA ASP B 11 15.91 -5.88 5.62
C ASP B 11 16.06 -4.44 5.12
N GLU B 12 15.03 -3.63 5.35
CA GLU B 12 15.08 -2.25 4.84
C GLU B 12 16.26 -1.50 5.46
N GLY B 13 17.14 -0.99 4.61
CA GLY B 13 18.30 -0.27 5.08
C GLY B 13 19.36 -1.09 5.78
N VAL B 14 19.31 -2.43 5.67
CA VAL B 14 20.25 -3.31 6.35
C VAL B 14 20.77 -4.34 5.35
N TYR B 15 22.08 -4.34 5.14
CA TYR B 15 22.72 -5.26 4.20
C TYR B 15 23.75 -6.12 4.92
N VAL B 16 23.85 -7.38 4.51
CA VAL B 16 24.94 -8.26 4.95
C VAL B 16 26.03 -8.26 3.88
N HIS B 17 27.26 -8.04 4.30
CA HIS B 17 28.40 -8.20 3.41
C HIS B 17 29.20 -9.42 3.87
N THR B 18 29.66 -10.20 2.90
CA THR B 18 30.41 -11.42 3.17
C THR B 18 31.70 -11.37 2.38
N SER B 19 32.82 -11.44 3.10
CA SER B 19 34.13 -11.54 2.50
C SER B 19 34.78 -12.86 2.93
N PHE B 20 35.86 -13.23 2.27
CA PHE B 20 36.46 -14.54 2.44
C PHE B 20 37.98 -14.39 2.55
N GLU B 21 38.61 -15.34 3.24
CA GLU B 21 40.07 -15.37 3.24
C GLU B 21 40.56 -16.79 3.44
N GLU B 22 41.84 -16.98 3.12
CA GLU B 22 42.53 -18.25 3.30
C GLU B 22 43.20 -18.27 4.66
N VAL B 23 43.01 -19.35 5.41
CA VAL B 23 43.63 -19.50 6.72
C VAL B 23 44.33 -20.85 6.80
N ASN B 24 45.56 -20.84 7.31
CA ASN B 24 46.34 -22.05 7.48
C ASN B 24 45.52 -23.16 8.12
N GLY B 25 45.49 -24.32 7.47
CA GLY B 25 44.77 -25.46 8.00
C GLY B 25 43.28 -25.48 7.73
N TRP B 26 42.66 -24.29 7.64
CA TRP B 26 41.22 -24.22 7.39
C TRP B 26 40.88 -24.11 5.92
N GLY B 27 41.73 -23.46 5.13
CA GLY B 27 41.36 -23.13 3.78
C GLY B 27 40.53 -21.86 3.75
N VAL B 28 39.51 -21.82 2.89
CA VAL B 28 38.72 -20.63 2.63
C VAL B 28 37.60 -20.54 3.65
N VAL B 29 37.36 -19.32 4.13
CA VAL B 29 36.61 -19.09 5.35
C VAL B 29 35.77 -17.81 5.22
N PRO B 30 34.49 -17.81 5.60
CA PRO B 30 33.64 -16.65 5.36
C PRO B 30 33.55 -15.73 6.57
N LYS B 31 33.15 -14.49 6.32
CA LYS B 31 32.98 -13.50 7.39
C LYS B 31 31.87 -12.53 7.00
N HIS B 32 30.81 -12.48 7.81
CA HIS B 32 29.72 -11.54 7.62
C HIS B 32 29.88 -10.34 8.52
N GLY B 33 29.60 -9.16 7.97
CA GLY B 33 29.35 -7.95 8.73
C GLY B 33 28.13 -7.30 8.12
N LEU B 34 27.84 -6.04 8.48
CA LEU B 34 26.65 -5.35 8.01
C LEU B 34 27.00 -4.00 7.40
N VAL B 35 26.06 -3.48 6.62
CA VAL B 35 26.02 -2.07 6.29
C VAL B 35 24.61 -1.57 6.62
N VAL B 36 24.54 -0.51 7.42
CA VAL B 36 23.27 0.04 7.89
C VAL B 36 23.09 1.42 7.27
N LEU B 37 21.95 1.63 6.63
CA LEU B 37 21.64 2.92 6.02
C LEU B 37 20.91 3.78 7.03
N VAL B 38 21.35 5.01 7.18
CA VAL B 38 20.69 5.99 8.03
C VAL B 38 20.49 7.20 7.13
N ASN B 39 19.34 7.29 6.50
CA ASN B 39 19.06 8.38 5.55
C ASN B 39 20.04 8.21 4.39
N ALA B 40 20.69 9.28 3.93
CA ALA B 40 21.57 9.14 2.79
C ALA B 40 22.99 8.81 3.23
N GLU B 41 23.14 8.12 4.36
CA GLU B 41 24.47 7.79 4.84
C GLU B 41 24.50 6.32 5.26
N ALA B 42 25.66 5.72 5.11
CA ALA B 42 25.87 4.30 5.36
C ALA B 42 26.86 4.15 6.51
N TYR B 43 26.65 3.12 7.32
CA TYR B 43 27.58 2.77 8.38
C TYR B 43 28.02 1.33 8.19
N LEU B 44 29.32 1.10 8.13
CA LEU B 44 29.82 -0.26 8.12
C LEU B 44 29.80 -0.84 9.52
N ILE B 45 29.24 -2.04 9.66
CA ILE B 45 29.30 -2.79 10.91
C ILE B 45 30.27 -3.94 10.68
N ASP B 46 31.48 -3.81 11.23
CA ASP B 46 32.64 -4.67 10.96
C ASP B 46 33.12 -4.45 9.53
N THR B 47 34.43 -4.42 9.36
CA THR B 47 35.06 -4.28 8.06
C THR B 47 35.36 -5.65 7.48
N PRO B 48 35.41 -5.75 6.16
CA PRO B 48 35.95 -6.96 5.54
C PRO B 48 37.40 -7.21 5.91
N PHE B 49 37.88 -8.39 5.53
CA PHE B 49 39.24 -8.82 5.88
C PHE B 49 40.29 -7.83 5.39
N THR B 50 40.15 -7.36 4.16
CA THR B 50 41.24 -6.67 3.50
C THR B 50 40.83 -5.24 3.17
N ALA B 51 41.80 -4.49 2.63
CA ALA B 51 41.52 -3.16 2.13
C ALA B 51 40.83 -3.22 0.77
N LYS B 52 41.30 -4.12 -0.10
CA LYS B 52 40.62 -4.36 -1.37
C LYS B 52 39.11 -4.47 -1.18
N ASP B 53 38.65 -5.29 -0.21
CA ASP B 53 37.22 -5.50 -0.07
C ASP B 53 36.53 -4.37 0.69
N THR B 54 37.22 -3.71 1.61
CA THR B 54 36.62 -2.54 2.24
C THR B 54 36.34 -1.46 1.21
N GLU B 55 37.30 -1.22 0.31
CA GLU B 55 37.07 -0.23 -0.75
C GLU B 55 35.90 -0.62 -1.64
N LYS B 56 35.84 -1.90 -2.05
CA LYS B 56 34.72 -2.36 -2.86
C LYS B 56 33.41 -2.15 -2.13
N LEU B 57 33.38 -2.50 -0.85
CA LEU B 57 32.16 -2.34 -0.05
C LEU B 57 31.77 -0.87 0.04
N VAL B 58 32.73 -0.02 0.39
CA VAL B 58 32.44 1.41 0.47
C VAL B 58 32.00 1.95 -0.89
N THR B 59 32.72 1.57 -1.96
CA THR B 59 32.35 2.04 -3.29
C THR B 59 30.93 1.64 -3.65
N TRP B 60 30.55 0.39 -3.37
CA TRP B 60 29.20 -0.08 -3.69
C TRP B 60 28.13 0.89 -3.20
N PHE B 61 28.36 1.52 -2.04
CA PHE B 61 27.35 2.40 -1.47
C PHE B 61 27.52 3.85 -1.90
N VAL B 62 28.74 4.29 -2.17
CA VAL B 62 28.93 5.62 -2.71
C VAL B 62 28.36 5.70 -4.13
N GLU B 63 28.56 4.65 -4.94
CA GLU B 63 27.97 4.61 -6.27
C GLU B 63 26.46 4.68 -6.24
N ARG B 64 25.85 4.35 -5.10
CA ARG B 64 24.40 4.25 -4.99
C ARG B 64 23.79 5.38 -4.15
N GLY B 65 24.53 6.47 -3.96
CA GLY B 65 23.98 7.65 -3.34
C GLY B 65 24.17 7.75 -1.85
N TYR B 66 25.02 6.94 -1.25
CA TYR B 66 25.18 6.91 0.20
C TYR B 66 26.61 7.27 0.58
N LYS B 67 26.75 8.28 1.44
CA LYS B 67 28.04 8.65 1.99
C LYS B 67 28.35 7.74 3.17
N ILE B 68 29.60 7.28 3.23
CA ILE B 68 30.03 6.41 4.32
C ILE B 68 30.30 7.30 5.54
N LYS B 69 29.43 7.22 6.55
CA LYS B 69 29.58 8.08 7.71
C LYS B 69 30.51 7.53 8.77
N GLY B 70 30.60 6.21 8.88
CA GLY B 70 31.46 5.62 9.88
C GLY B 70 31.46 4.11 9.73
N SER B 71 32.40 3.49 10.41
CA SER B 71 32.45 2.04 10.47
C SER B 71 32.77 1.66 11.90
N ILE B 72 32.06 0.69 12.44
CA ILE B 72 32.38 0.23 13.79
C ILE B 72 32.84 -1.21 13.68
N SER B 73 33.88 -1.55 14.45
CA SER B 73 34.45 -2.89 14.49
C SER B 73 34.03 -3.56 15.79
N SER B 74 33.47 -4.77 15.69
CA SER B 74 32.93 -5.46 16.85
C SER B 74 34.01 -5.94 17.81
N HIS B 75 35.21 -6.29 17.31
CA HIS B 75 36.30 -6.68 18.18
C HIS B 75 37.64 -6.56 17.43
N PHE B 76 38.74 -7.01 18.08
CA PHE B 76 40.05 -6.63 17.55
C PHE B 76 40.56 -7.56 16.46
N HIS B 77 40.00 -8.75 16.30
CA HIS B 77 40.45 -9.65 15.25
C HIS B 77 40.31 -9.03 13.86
N SER B 78 41.20 -9.44 12.96
CA SER B 78 41.25 -8.84 11.63
C SER B 78 39.99 -9.11 10.82
N ASP B 79 39.16 -10.08 11.20
CA ASP B 79 37.91 -10.25 10.46
C ASP B 79 36.90 -9.16 10.78
N SER B 80 37.17 -8.33 11.80
CA SER B 80 36.33 -7.18 12.08
C SER B 80 37.00 -5.85 11.76
N THR B 81 38.33 -5.83 11.64
CA THR B 81 39.12 -4.62 11.61
C THR B 81 40.01 -4.47 10.40
N GLY B 82 40.27 -5.55 9.67
CA GLY B 82 41.01 -5.54 8.42
C GLY B 82 41.02 -4.25 7.59
N GLY B 83 39.88 -3.55 7.53
CA GLY B 83 39.80 -2.36 6.72
C GLY B 83 40.05 -1.04 7.41
N ILE B 84 40.33 -1.02 8.72
CA ILE B 84 40.44 0.25 9.45
C ILE B 84 41.55 1.13 8.87
N GLU B 85 42.70 0.55 8.55
CA GLU B 85 43.81 1.34 8.03
C GLU B 85 43.38 2.12 6.79
N TRP B 86 42.73 1.45 5.85
CA TRP B 86 42.26 2.10 4.63
C TRP B 86 41.22 3.17 4.93
N LEU B 87 40.20 2.83 5.72
CA LEU B 87 39.18 3.82 6.04
C LEU B 87 39.78 5.05 6.71
N ASN B 88 40.71 4.85 7.66
CA ASN B 88 41.43 5.99 8.21
C ASN B 88 42.13 6.78 7.09
N SER B 89 42.69 6.07 6.11
CA SER B 89 43.45 6.71 5.03
C SER B 89 42.56 7.52 4.10
N ARG B 90 41.25 7.30 4.15
CA ARG B 90 40.28 8.09 3.41
C ARG B 90 39.48 9.01 4.31
N SER B 91 39.88 9.14 5.58
CA SER B 91 39.26 10.06 6.53
C SER B 91 37.82 9.68 6.84
N ILE B 92 37.50 8.40 6.69
CA ILE B 92 36.22 7.86 7.12
C ILE B 92 36.34 7.53 8.60
N PRO B 93 35.53 8.13 9.47
CA PRO B 93 35.69 7.91 10.91
C PRO B 93 35.50 6.44 11.29
N THR B 94 36.40 5.96 12.14
CA THR B 94 36.37 4.57 12.57
C THR B 94 36.11 4.49 14.07
N TYR B 95 35.34 3.50 14.47
CA TYR B 95 34.98 3.32 15.87
C TYR B 95 35.33 1.92 16.32
N ALA B 96 35.87 1.85 17.53
CA ALA B 96 36.02 0.59 18.25
C ALA B 96 36.13 0.95 19.72
N SER B 97 35.87 -0.03 20.56
CA SER B 97 35.92 0.27 21.99
C SER B 97 37.36 0.48 22.43
N GLU B 98 37.49 1.09 23.62
CA GLU B 98 38.80 1.29 24.18
C GLU B 98 39.55 -0.04 24.33
N LEU B 99 38.85 -1.11 24.75
CA LEU B 99 39.53 -2.41 24.90
C LEU B 99 39.99 -2.93 23.54
N THR B 100 39.14 -2.77 22.52
CA THR B 100 39.51 -3.22 21.19
C THR B 100 40.72 -2.46 20.66
N ASN B 101 40.79 -1.14 20.90
CA ASN B 101 41.94 -0.37 20.41
C ASN B 101 43.20 -0.74 21.18
N GLU B 102 43.07 -1.01 22.47
CA GLU B 102 44.17 -1.46 23.30
C GLU B 102 44.72 -2.80 22.80
N LEU B 103 43.83 -3.72 22.41
CA LEU B 103 44.31 -4.96 21.84
C LEU B 103 44.89 -4.74 20.43
N LEU B 104 44.27 -3.87 19.62
CA LEU B 104 44.87 -3.56 18.31
C LEU B 104 46.28 -3.01 18.47
N LYS B 105 46.44 -2.00 19.34
CA LYS B 105 47.74 -1.37 19.52
C LYS B 105 48.81 -2.38 19.96
N LYS B 106 48.42 -3.34 20.80
CA LYS B 106 49.37 -4.35 21.26
C LYS B 106 49.82 -5.27 20.12
N ASP B 107 48.92 -5.58 19.18
CA ASP B 107 49.26 -6.47 18.07
C ASP B 107 49.82 -5.73 16.86
N GLY B 108 50.19 -4.46 17.01
CA GLY B 108 50.83 -3.74 15.93
C GLY B 108 49.90 -3.37 14.79
N LYS B 109 48.65 -3.03 15.10
CA LYS B 109 47.61 -2.72 14.13
C LYS B 109 47.11 -1.30 14.34
N VAL B 110 46.72 -0.66 13.24
CA VAL B 110 46.13 0.66 13.31
C VAL B 110 44.87 0.62 14.15
N GLN B 111 44.68 1.62 14.99
CA GLN B 111 43.55 1.68 15.91
C GLN B 111 42.42 2.49 15.28
N ALA B 112 41.19 2.19 15.73
CA ALA B 112 40.05 2.99 15.31
C ALA B 112 40.29 4.45 15.65
N THR B 113 39.85 5.36 14.76
CA THR B 113 40.04 6.78 15.04
C THR B 113 39.30 7.20 16.32
N ASN B 114 38.11 6.61 16.56
CA ASN B 114 37.24 7.00 17.65
C ASN B 114 36.97 5.81 18.57
N SER B 115 36.85 6.10 19.86
CA SER B 115 36.63 5.03 20.82
C SER B 115 35.50 5.40 21.77
N PHE B 116 35.10 4.39 22.54
CA PHE B 116 34.00 4.46 23.48
C PHE B 116 34.23 3.36 24.50
N SER B 117 33.56 3.51 25.63
CA SER B 117 33.76 2.66 26.79
C SER B 117 32.42 2.28 27.39
N GLY B 118 32.43 1.23 28.19
CA GLY B 118 31.29 0.92 29.00
C GLY B 118 30.32 -0.02 28.35
N VAL B 119 29.13 -0.10 28.96
CA VAL B 119 28.20 -1.17 28.66
C VAL B 119 27.40 -0.89 27.39
N ASN B 120 26.84 0.32 27.26
CA ASN B 120 26.03 0.74 26.12
C ASN B 120 26.58 2.01 25.51
N TYR B 121 26.52 2.11 24.18
CA TYR B 121 26.97 3.31 23.50
C TYR B 121 26.17 3.49 22.24
N TRP B 122 25.72 4.72 22.00
CA TRP B 122 25.00 5.09 20.80
C TRP B 122 26.02 5.54 19.76
N LEU B 123 26.29 4.68 18.77
CA LEU B 123 26.97 5.17 17.57
C LEU B 123 26.08 6.17 16.84
N VAL B 124 24.80 5.83 16.69
CA VAL B 124 23.76 6.76 16.24
C VAL B 124 22.55 6.58 17.17
N LYS B 125 22.15 7.65 17.84
CA LYS B 125 21.06 7.59 18.82
C LYS B 125 19.77 7.05 18.20
N ASN B 126 19.19 6.03 18.85
CA ASN B 126 17.96 5.33 18.47
C ASN B 126 18.05 4.58 17.14
N LYS B 127 19.25 4.37 16.60
CA LYS B 127 19.39 3.64 15.33
C LYS B 127 20.44 2.54 15.45
N ILE B 128 21.60 2.86 16.02
CA ILE B 128 22.72 1.95 16.14
C ILE B 128 23.25 2.00 17.56
N GLU B 129 23.01 0.94 18.31
CA GLU B 129 23.53 0.83 19.67
C GLU B 129 24.70 -0.14 19.68
N VAL B 130 25.65 0.10 20.57
CA VAL B 130 26.71 -0.85 20.86
C VAL B 130 26.51 -1.33 22.28
N PHE B 131 26.62 -2.65 22.48
CA PHE B 131 26.44 -3.26 23.78
C PHE B 131 27.60 -4.19 24.05
N TYR B 132 28.26 -3.96 25.16
CA TYR B 132 29.33 -4.84 25.60
C TYR B 132 28.75 -5.90 26.53
N PRO B 133 28.64 -7.17 26.11
CA PRO B 133 28.08 -8.20 27.00
C PRO B 133 29.05 -8.69 28.05
N GLY B 134 30.32 -8.32 27.94
CA GLY B 134 31.39 -8.91 28.74
C GLY B 134 32.28 -9.81 27.90
N PRO B 135 33.42 -10.22 28.49
CA PRO B 135 34.38 -11.07 27.75
C PRO B 135 33.75 -12.36 27.23
N GLY B 136 34.10 -12.71 26.02
CA GLY B 136 33.52 -13.89 25.39
C GLY B 136 34.49 -14.54 24.45
N HIS B 137 34.14 -14.48 23.17
CA HIS B 137 35.06 -14.93 22.15
C HIS B 137 36.38 -14.15 22.20
N THR B 138 36.35 -12.88 22.63
CA THR B 138 37.52 -12.07 22.91
C THR B 138 37.26 -11.23 24.16
N PRO B 139 38.31 -10.68 24.80
CA PRO B 139 38.06 -9.83 25.99
C PRO B 139 37.17 -8.63 25.71
N ASP B 140 37.15 -8.18 24.47
CA ASP B 140 36.65 -6.86 24.11
C ASP B 140 35.40 -6.90 23.23
N ASN B 141 34.89 -8.09 22.89
CA ASN B 141 33.86 -8.18 21.86
C ASN B 141 32.61 -7.44 22.27
N VAL B 142 31.99 -6.76 21.30
CA VAL B 142 30.76 -6.03 21.48
C VAL B 142 29.83 -6.48 20.37
N VAL B 143 28.54 -6.18 20.54
CA VAL B 143 27.52 -6.51 19.55
C VAL B 143 26.86 -5.20 19.13
N VAL B 144 26.18 -5.23 17.98
CA VAL B 144 25.58 -4.01 17.43
C VAL B 144 24.08 -4.22 17.22
N TRP B 145 23.27 -3.41 17.89
CA TRP B 145 21.82 -3.55 17.93
C TRP B 145 21.15 -2.44 17.12
N LEU B 146 20.24 -2.84 16.25
CA LEU B 146 19.49 -1.92 15.41
C LEU B 146 18.06 -1.93 15.94
N PRO B 147 17.71 -1.02 16.86
CA PRO B 147 16.41 -1.14 17.54
C PRO B 147 15.19 -1.01 16.61
N GLU B 148 15.31 -0.27 15.50
CA GLU B 148 14.18 -0.11 14.59
C GLU B 148 13.84 -1.40 13.84
N ARG B 149 14.82 -2.25 13.52
CA ARG B 149 14.54 -3.53 12.90
C ARG B 149 14.66 -4.71 13.84
N LYS B 150 15.06 -4.47 15.09
CA LYS B 150 15.36 -5.55 16.03
C LYS B 150 16.35 -6.55 15.43
N ILE B 151 17.38 -6.03 14.76
CA ILE B 151 18.44 -6.84 14.17
C ILE B 151 19.68 -6.68 15.05
N LEU B 152 20.21 -7.80 15.54
CA LEU B 152 21.40 -7.80 16.37
C LEU B 152 22.55 -8.40 15.58
N PHE B 153 23.63 -7.64 15.42
CA PHE B 153 24.86 -8.21 14.88
C PHE B 153 25.69 -8.72 16.05
N GLY B 154 25.95 -10.02 16.08
CA GLY B 154 26.59 -10.59 17.25
C GLY B 154 28.06 -10.86 17.09
N GLY B 155 28.52 -10.92 15.83
CA GLY B 155 29.93 -11.08 15.54
C GLY B 155 30.43 -12.47 15.87
N CYS B 156 31.69 -12.54 16.29
CA CYS B 156 32.25 -13.87 16.52
C CYS B 156 31.91 -14.38 17.91
N PHE B 157 31.05 -13.65 18.62
CA PHE B 157 30.47 -14.07 19.89
C PHE B 157 29.33 -15.07 19.68
N ILE B 158 28.62 -14.98 18.56
CA ILE B 158 27.43 -15.80 18.32
C ILE B 158 27.93 -17.13 17.77
N LYS B 159 27.91 -18.17 18.62
CA LYS B 159 28.56 -19.45 18.34
C LYS B 159 27.60 -20.59 18.68
N PRO B 160 26.52 -20.75 17.90
CA PRO B 160 25.52 -21.76 18.25
C PRO B 160 26.04 -23.18 18.18
N TYR B 161 27.04 -23.49 17.35
CA TYR B 161 27.47 -24.86 17.17
C TYR B 161 29.00 -24.94 17.23
N GLY B 162 29.55 -24.76 18.42
CA GLY B 162 30.99 -24.75 18.60
C GLY B 162 31.53 -23.35 18.71
N LEU B 163 32.51 -23.14 19.60
CA LEU B 163 32.91 -21.78 20.00
C LEU B 163 33.92 -21.13 19.06
N GLY B 164 34.49 -21.87 18.13
CA GLY B 164 35.49 -21.29 17.27
C GLY B 164 36.84 -21.25 17.96
N ASN B 165 37.69 -20.35 17.48
CA ASN B 165 39.05 -20.29 17.99
C ASN B 165 39.06 -19.69 19.39
N LEU B 166 39.67 -20.43 20.32
CA LEU B 166 39.66 -20.07 21.73
C LEU B 166 40.91 -19.33 22.19
N GLY B 167 41.82 -18.98 21.25
CA GLY B 167 43.10 -18.41 21.64
C GLY B 167 42.99 -17.18 22.53
N ASP B 168 42.04 -16.30 22.22
CA ASP B 168 41.81 -15.08 23.00
C ASP B 168 40.49 -15.12 23.77
N ALA B 169 39.93 -16.31 23.98
CA ALA B 169 38.60 -16.44 24.57
C ALA B 169 38.69 -16.50 26.10
N ASN B 170 37.63 -16.03 26.74
CA ASN B 170 37.46 -16.10 28.19
C ASN B 170 36.38 -17.14 28.47
N ILE B 171 36.81 -18.39 28.62
CA ILE B 171 35.90 -19.51 28.79
C ILE B 171 35.11 -19.41 30.10
N GLU B 172 35.71 -18.82 31.12
CA GLU B 172 35.03 -18.66 32.41
C GLU B 172 33.98 -17.55 32.40
N ALA B 173 34.21 -16.45 31.66
CA ALA B 173 33.26 -15.35 31.64
C ALA B 173 32.15 -15.54 30.62
N TRP B 174 32.42 -16.26 29.53
CA TRP B 174 31.49 -16.32 28.40
C TRP B 174 30.06 -16.69 28.78
N PRO B 175 29.81 -17.68 29.65
CA PRO B 175 28.40 -18.00 29.97
C PRO B 175 27.68 -16.87 30.67
N LYS B 176 28.30 -16.24 31.68
CA LYS B 176 27.77 -15.01 32.24
C LYS B 176 27.50 -13.99 31.14
N SER B 177 28.47 -13.78 30.25
CA SER B 177 28.27 -12.80 29.18
C SER B 177 27.12 -13.22 28.27
N ALA B 178 27.08 -14.50 27.90
CA ALA B 178 26.02 -15.01 27.02
C ALA B 178 24.65 -14.91 27.68
N LYS B 179 24.60 -15.19 28.98
CA LYS B 179 23.37 -15.00 29.75
C LYS B 179 22.91 -13.54 29.68
N LEU B 180 23.82 -12.60 29.91
CA LEU B 180 23.46 -11.19 29.84
C LEU B 180 22.95 -10.82 28.45
N LEU B 181 23.63 -11.30 27.40
CA LEU B 181 23.20 -11.00 26.05
C LEU B 181 21.81 -11.56 25.78
N LYS B 182 21.54 -12.77 26.27
CA LYS B 182 20.24 -13.41 26.09
C LYS B 182 19.12 -12.59 26.72
N SER B 183 19.28 -12.17 27.97
CA SER B 183 18.19 -11.42 28.58
C SER B 183 17.98 -10.06 27.92
N LYS B 184 19.03 -9.41 27.42
CA LYS B 184 18.85 -8.08 26.85
C LYS B 184 18.29 -8.10 25.43
N TYR B 185 18.60 -9.14 24.65
CA TYR B 185 18.16 -9.16 23.26
C TYR B 185 17.26 -10.35 22.94
N GLY B 186 16.62 -10.94 23.95
CA GLY B 186 15.75 -12.08 23.72
C GLY B 186 14.63 -11.80 22.74
N LYS B 187 14.32 -10.54 22.48
CA LYS B 187 13.29 -10.17 21.52
C LYS B 187 13.86 -9.70 20.19
N ALA B 188 15.12 -10.03 19.89
CA ALA B 188 15.65 -9.80 18.56
C ALA B 188 14.85 -10.59 17.54
N LYS B 189 14.62 -9.98 16.39
CA LYS B 189 14.02 -10.74 15.29
C LYS B 189 15.09 -11.43 14.43
N LEU B 190 16.25 -10.80 14.25
CA LEU B 190 17.36 -11.41 13.53
C LEU B 190 18.64 -11.30 14.34
N VAL B 191 19.43 -12.38 14.35
CA VAL B 191 20.75 -12.40 14.99
C VAL B 191 21.76 -12.84 13.93
N VAL B 192 22.69 -11.95 13.60
CA VAL B 192 23.61 -12.15 12.49
C VAL B 192 24.97 -12.59 13.07
N PRO B 193 25.39 -13.84 12.86
CA PRO B 193 26.73 -14.26 13.30
C PRO B 193 27.81 -13.85 12.31
N SER B 194 29.06 -13.84 12.79
CA SER B 194 30.17 -13.57 11.89
C SER B 194 30.41 -14.71 10.91
N HIS B 195 30.22 -15.95 11.33
CA HIS B 195 30.71 -17.09 10.56
C HIS B 195 29.63 -18.13 10.27
N SER B 196 28.35 -17.80 10.44
CA SER B 196 27.28 -18.79 10.20
C SER B 196 25.99 -18.06 9.84
N GLU B 197 24.93 -18.84 9.63
CA GLU B 197 23.70 -18.32 9.04
C GLU B 197 23.03 -17.30 9.95
N VAL B 198 22.42 -16.28 9.34
CA VAL B 198 21.44 -15.47 10.04
C VAL B 198 20.36 -16.36 10.61
N GLY B 199 20.04 -16.18 11.88
CA GLY B 199 18.94 -16.91 12.49
C GLY B 199 18.09 -15.97 13.34
N ASP B 200 17.28 -16.52 14.23
CA ASP B 200 16.45 -15.70 15.12
C ASP B 200 17.06 -15.66 16.52
N ALA B 201 16.27 -15.24 17.51
CA ALA B 201 16.78 -15.10 18.86
C ALA B 201 17.16 -16.43 19.51
N SER B 202 16.90 -17.56 18.87
CA SER B 202 17.35 -18.83 19.45
C SER B 202 18.87 -18.96 19.41
N LEU B 203 19.53 -18.24 18.48
CA LEU B 203 20.99 -18.24 18.45
C LEU B 203 21.57 -17.78 19.78
N LEU B 204 20.92 -16.83 20.43
CA LEU B 204 21.35 -16.39 21.75
C LEU B 204 21.31 -17.54 22.75
N LYS B 205 20.26 -18.36 22.70
CA LYS B 205 20.15 -19.48 23.63
C LYS B 205 21.21 -20.54 23.34
N LEU B 206 21.39 -20.88 22.06
CA LEU B 206 22.39 -21.89 21.70
C LEU B 206 23.81 -21.42 22.03
N THR B 207 24.10 -20.12 21.86
CA THR B 207 25.43 -19.62 22.24
C THR B 207 25.67 -19.78 23.73
N LEU B 208 24.67 -19.42 24.54
CA LEU B 208 24.80 -19.63 25.99
C LEU B 208 25.03 -21.10 26.31
N GLU B 209 24.31 -22.00 25.61
CA GLU B 209 24.49 -23.44 25.82
C GLU B 209 25.91 -23.86 25.44
N GLN B 210 26.40 -23.41 24.27
CA GLN B 210 27.77 -23.75 23.86
C GLN B 210 28.81 -23.18 24.83
N ALA B 211 28.60 -21.95 25.32
CA ALA B 211 29.56 -21.42 26.29
C ALA B 211 29.59 -22.27 27.55
N VAL B 212 28.43 -22.74 28.01
CA VAL B 212 28.38 -23.58 29.18
C VAL B 212 29.11 -24.90 28.92
N LYS B 213 28.86 -25.54 27.77
CA LYS B 213 29.53 -26.81 27.51
C LYS B 213 31.03 -26.61 27.38
N GLY B 214 31.46 -25.54 26.68
CA GLY B 214 32.88 -25.25 26.58
C GLY B 214 33.57 -25.12 27.93
N LEU B 215 32.90 -24.44 28.87
CA LEU B 215 33.49 -24.26 30.20
C LEU B 215 33.56 -25.59 30.96
N ASN B 216 32.52 -26.42 30.81
CA ASN B 216 32.55 -27.73 31.46
C ASN B 216 33.57 -28.65 30.80
N GLU B 217 33.66 -28.63 29.47
CA GLU B 217 34.62 -29.48 28.77
C GLU B 217 36.05 -29.19 29.22
N SER B 218 36.32 -27.97 29.71
CA SER B 218 37.67 -27.62 30.15
C SER B 218 37.98 -28.12 31.55
N LYS B 219 37.29 -29.15 32.03
CA LYS B 219 37.50 -29.71 33.37
C LYS B 219 37.38 -31.24 33.38
N SER C 1 3.21 35.50 4.33
CA SER C 1 3.62 34.13 4.61
C SER C 1 3.53 33.80 6.09
N LEU C 2 4.00 32.59 6.43
CA LEU C 2 3.87 32.00 7.75
C LEU C 2 5.23 31.61 8.30
N PRO C 3 5.44 31.73 9.60
CA PRO C 3 6.67 31.20 10.20
C PRO C 3 6.71 29.68 10.10
N ASP C 4 7.92 29.16 10.09
CA ASP C 4 8.12 27.72 10.06
C ASP C 4 7.64 27.05 11.35
N LEU C 5 7.20 25.80 11.22
CA LEU C 5 6.94 24.98 12.39
C LEU C 5 8.13 25.05 13.34
N LYS C 6 7.85 25.20 14.63
CA LYS C 6 8.88 25.23 15.65
C LYS C 6 8.76 23.99 16.51
N ILE C 7 9.91 23.41 16.87
CA ILE C 7 9.98 22.29 17.81
C ILE C 7 11.10 22.58 18.80
N GLU C 8 10.75 22.73 20.08
CA GLU C 8 11.70 23.10 21.12
C GLU C 8 11.50 22.23 22.36
N LYS C 9 12.60 21.71 22.90
CA LYS C 9 12.53 20.87 24.07
C LYS C 9 12.04 21.69 25.25
N LEU C 10 11.07 21.16 26.00
CA LEU C 10 10.59 21.83 27.19
C LEU C 10 11.08 21.17 28.47
N ASP C 11 11.31 19.87 28.45
CA ASP C 11 11.64 19.09 29.63
C ASP C 11 12.07 17.73 29.10
N GLU C 12 12.53 16.85 30.01
CA GLU C 12 12.95 15.52 29.59
C GLU C 12 11.79 14.78 28.95
N GLY C 13 11.98 14.36 27.70
CA GLY C 13 10.95 13.64 27.00
C GLY C 13 9.75 14.46 26.57
N VAL C 14 9.80 15.80 26.68
CA VAL C 14 8.66 16.66 26.35
C VAL C 14 9.13 17.76 25.41
N TYR C 15 8.43 17.90 24.28
CA TYR C 15 8.68 18.99 23.34
C TYR C 15 7.41 19.79 23.10
N VAL C 16 7.59 21.09 22.86
CA VAL C 16 6.51 21.96 22.43
C VAL C 16 6.65 22.18 20.93
N HIS C 17 5.58 21.93 20.18
CA HIS C 17 5.55 22.29 18.77
C HIS C 17 4.64 23.49 18.57
N THR C 18 5.05 24.39 17.67
CA THR C 18 4.32 25.63 17.43
C THR C 18 4.09 25.81 15.94
N SER C 19 2.83 25.83 15.54
CA SER C 19 2.45 26.07 14.16
C SER C 19 1.69 27.39 14.08
N PHE C 20 1.56 27.91 12.87
CA PHE C 20 0.97 29.21 12.64
C PHE C 20 -0.06 29.13 11.54
N GLU C 21 -1.08 29.97 11.65
CA GLU C 21 -2.12 30.04 10.64
C GLU C 21 -2.49 31.50 10.40
N GLU C 22 -2.99 31.78 9.21
CA GLU C 22 -3.64 33.06 8.91
C GLU C 22 -5.15 32.91 9.05
N VAL C 23 -5.76 33.80 9.86
CA VAL C 23 -7.20 33.83 10.08
C VAL C 23 -7.73 35.17 9.57
N ASN C 24 -9.04 35.27 9.38
CA ASN C 24 -9.63 36.52 8.94
C ASN C 24 -9.64 37.53 10.08
N GLY C 25 -9.19 38.75 9.81
CA GLY C 25 -9.21 39.81 10.80
C GLY C 25 -8.01 39.79 11.73
N TRP C 26 -7.91 38.75 12.57
CA TRP C 26 -6.64 38.38 13.15
C TRP C 26 -5.68 38.06 12.01
N GLY C 27 -4.47 38.57 12.05
CA GLY C 27 -3.56 38.11 11.01
C GLY C 27 -3.00 36.72 11.30
N VAL C 28 -1.69 36.64 11.54
CA VAL C 28 -1.01 35.38 11.77
C VAL C 28 -1.12 35.01 13.24
N VAL C 29 -1.39 33.74 13.50
CA VAL C 29 -1.78 33.25 14.82
C VAL C 29 -0.92 32.05 15.22
N PRO C 30 -0.48 31.93 16.48
CA PRO C 30 0.30 30.76 16.89
C PRO C 30 -0.55 29.68 17.58
N LYS C 31 -0.07 28.43 17.60
CA LYS C 31 -0.73 27.35 18.34
C LYS C 31 0.33 26.40 18.87
N HIS C 32 0.31 26.16 20.18
CA HIS C 32 1.22 25.22 20.80
C HIS C 32 0.50 23.90 21.04
N GLY C 33 1.23 22.80 20.85
CA GLY C 33 0.89 21.49 21.35
C GLY C 33 2.16 20.84 21.84
N LEU C 34 2.13 19.54 22.12
CA LEU C 34 3.27 18.82 22.67
C LEU C 34 3.57 17.57 21.85
N VAL C 35 4.82 17.12 21.95
CA VAL C 35 5.23 15.75 21.60
C VAL C 35 5.87 15.17 22.85
N VAL C 36 5.37 14.01 23.30
CA VAL C 36 5.85 13.34 24.52
C VAL C 36 6.53 12.04 24.13
N LEU C 37 7.69 11.78 24.73
CA LEU C 37 8.48 10.58 24.43
C LEU C 37 8.35 9.55 25.55
N VAL C 38 7.97 8.33 25.18
CA VAL C 38 7.97 7.17 26.07
C VAL C 38 8.87 6.14 25.41
N ASN C 39 10.05 5.93 25.98
CA ASN C 39 11.12 5.09 25.38
C ASN C 39 11.33 5.53 23.93
N ALA C 40 11.34 4.62 22.97
CA ALA C 40 11.60 4.99 21.59
C ALA C 40 10.33 5.35 20.84
N GLU C 41 9.27 5.74 21.56
CA GLU C 41 7.98 6.03 20.96
C GLU C 41 7.58 7.46 21.29
N ALA C 42 6.87 8.08 20.35
CA ALA C 42 6.43 9.45 20.49
C ALA C 42 4.91 9.53 20.36
N TYR C 43 4.30 10.39 21.17
CA TYR C 43 2.87 10.68 21.09
C TYR C 43 2.67 12.17 20.85
N LEU C 44 1.90 12.53 19.82
CA LEU C 44 1.59 13.93 19.56
C LEU C 44 0.43 14.35 20.45
N ILE C 45 0.60 15.47 21.15
CA ILE C 45 -0.46 16.08 21.97
C ILE C 45 -0.96 17.30 21.19
N ASP C 46 -2.12 17.16 20.54
CA ASP C 46 -2.64 18.12 19.56
C ASP C 46 -1.82 18.08 18.27
N THR C 47 -2.51 18.16 17.09
CA THR C 47 -1.74 18.24 15.86
C THR C 47 -1.58 19.68 15.42
N PRO C 48 -0.56 19.96 14.63
CA PRO C 48 -0.49 21.23 13.90
C PRO C 48 -1.72 21.45 13.03
N PHE C 49 -1.95 22.73 12.69
CA PHE C 49 -3.13 23.12 11.92
C PHE C 49 -3.30 22.27 10.68
N THR C 50 -2.20 21.97 10.01
CA THR C 50 -2.22 21.46 8.65
C THR C 50 -1.68 20.04 8.59
N ALA C 51 -2.03 19.35 7.51
CA ALA C 51 -1.41 18.07 7.21
C ALA C 51 0.06 18.25 6.92
N LYS C 52 0.42 19.33 6.24
CA LYS C 52 1.81 19.56 5.89
C LYS C 52 2.67 19.69 7.13
N ASP C 53 2.26 20.55 8.07
CA ASP C 53 3.03 20.70 9.31
C ASP C 53 2.94 19.46 10.19
N THR C 54 1.84 18.71 10.13
CA THR C 54 1.81 17.42 10.84
C THR C 54 2.85 16.47 10.26
N GLU C 55 2.99 16.45 8.93
CA GLU C 55 3.99 15.58 8.32
C GLU C 55 5.40 16.01 8.71
N LYS C 56 5.66 17.32 8.76
CA LYS C 56 6.98 17.78 9.22
C LYS C 56 7.22 17.43 10.68
N LEU C 57 6.20 17.59 11.52
CA LEU C 57 6.35 17.25 12.94
C LEU C 57 6.68 15.77 13.11
N VAL C 58 5.87 14.91 12.50
CA VAL C 58 6.09 13.46 12.56
C VAL C 58 7.47 13.10 12.00
N THR C 59 7.83 13.69 10.85
CA THR C 59 9.10 13.39 10.18
C THR C 59 10.29 13.77 11.06
N TRP C 60 10.18 14.88 11.79
CA TRP C 60 11.28 15.28 12.67
C TRP C 60 11.61 14.19 13.68
N PHE C 61 10.58 13.59 14.27
CA PHE C 61 10.80 12.58 15.28
C PHE C 61 11.10 11.21 14.67
N VAL C 62 10.49 10.87 13.53
CA VAL C 62 10.74 9.57 12.91
C VAL C 62 12.21 9.46 12.49
N GLU C 63 12.72 10.46 11.76
CA GLU C 63 14.11 10.42 11.33
C GLU C 63 15.09 10.51 12.50
N ARG C 64 14.60 10.75 13.72
CA ARG C 64 15.41 10.68 14.92
C ARG C 64 15.17 9.39 15.72
N GLY C 65 14.45 8.44 15.16
CA GLY C 65 14.36 7.11 15.74
C GLY C 65 13.15 6.86 16.62
N TYR C 66 12.19 7.78 16.66
CA TYR C 66 11.00 7.59 17.45
C TYR C 66 9.87 7.12 16.54
N LYS C 67 9.20 6.06 16.96
CA LYS C 67 7.96 5.63 16.34
C LYS C 67 6.81 6.49 16.87
N ILE C 68 5.96 7.01 15.99
CA ILE C 68 4.77 7.74 16.40
C ILE C 68 3.72 6.71 16.80
N LYS C 69 3.52 6.51 18.09
CA LYS C 69 2.55 5.51 18.53
C LYS C 69 1.14 6.03 18.63
N GLY C 70 0.94 7.34 18.72
CA GLY C 70 -0.41 7.85 18.80
C GLY C 70 -0.41 9.36 18.85
N SER C 71 -1.62 9.91 18.66
CA SER C 71 -1.85 11.34 18.72
C SER C 71 -3.17 11.57 19.42
N ILE C 72 -3.23 12.54 20.32
CA ILE C 72 -4.47 12.87 21.02
C ILE C 72 -4.81 14.32 20.71
N SER C 73 -6.10 14.59 20.50
CA SER C 73 -6.57 15.95 20.32
C SER C 73 -7.35 16.41 21.54
N SER C 74 -7.02 17.60 22.03
CA SER C 74 -7.61 18.08 23.27
C SER C 74 -9.04 18.54 23.12
N HIS C 75 -9.45 18.89 21.90
CA HIS C 75 -10.81 19.35 21.58
C HIS C 75 -10.91 19.41 20.06
N PHE C 76 -12.09 19.80 19.57
CA PHE C 76 -12.46 19.57 18.16
C PHE C 76 -11.98 20.65 17.19
N HIS C 77 -11.69 21.86 17.65
CA HIS C 77 -11.21 22.89 16.75
C HIS C 77 -9.99 22.41 16.00
N SER C 78 -9.80 22.96 14.79
CA SER C 78 -8.75 22.49 13.90
C SER C 78 -7.35 22.86 14.37
N ASP C 79 -7.22 23.77 15.35
CA ASP C 79 -5.87 23.98 15.87
C ASP C 79 -5.40 22.80 16.73
N SER C 80 -6.30 21.86 17.06
CA SER C 80 -5.96 20.59 17.71
C SER C 80 -6.08 19.38 16.79
N THR C 81 -6.79 19.50 15.66
CA THR C 81 -7.22 18.35 14.88
C THR C 81 -6.86 18.40 13.40
N GLY C 82 -6.27 19.50 12.91
CA GLY C 82 -6.09 19.62 11.46
C GLY C 82 -5.27 18.51 10.86
N GLY C 83 -4.46 17.83 11.67
CA GLY C 83 -3.62 16.74 11.21
C GLY C 83 -4.22 15.36 11.35
N ILE C 84 -5.47 15.23 11.81
CA ILE C 84 -6.00 13.91 12.06
C ILE C 84 -6.14 13.13 10.75
N GLU C 85 -6.62 13.79 9.68
CA GLU C 85 -6.78 13.10 8.41
C GLU C 85 -5.45 12.55 7.91
N TRP C 86 -4.39 13.37 7.94
CA TRP C 86 -3.08 12.89 7.52
C TRP C 86 -2.64 11.70 8.36
N LEU C 87 -2.72 11.81 9.69
CA LEU C 87 -2.28 10.73 10.56
C LEU C 87 -3.01 9.43 10.25
N ASN C 88 -4.33 9.49 10.13
CA ASN C 88 -5.10 8.29 9.84
C ASN C 88 -4.67 7.66 8.52
N SER C 89 -4.36 8.48 7.52
CA SER C 89 -3.94 7.94 6.23
C SER C 89 -2.60 7.20 6.34
N ARG C 90 -1.78 7.55 7.34
CA ARG C 90 -0.53 6.88 7.64
C ARG C 90 -0.69 5.72 8.61
N SER C 91 -1.92 5.44 9.05
CA SER C 91 -2.20 4.39 10.01
C SER C 91 -1.58 4.67 11.37
N ILE C 92 -1.43 5.95 11.72
CA ILE C 92 -1.05 6.34 13.06
C ILE C 92 -2.32 6.46 13.92
N PRO C 93 -2.42 5.73 15.03
CA PRO C 93 -3.60 5.82 15.89
C PRO C 93 -3.88 7.25 16.36
N THR C 94 -5.07 7.74 16.05
CA THR C 94 -5.55 9.03 16.54
C THR C 94 -6.63 8.81 17.58
N TYR C 95 -6.60 9.65 18.61
CA TYR C 95 -7.44 9.55 19.80
C TYR C 95 -8.12 10.88 20.04
N ALA C 96 -9.41 10.83 20.37
CA ALA C 96 -10.13 12.02 20.81
C ALA C 96 -11.31 11.54 21.63
N SER C 97 -11.88 12.44 22.41
CA SER C 97 -13.02 12.06 23.22
C SER C 97 -14.25 11.87 22.33
N GLU C 98 -15.22 11.12 22.87
CA GLU C 98 -16.52 10.93 22.23
C GLU C 98 -17.13 12.26 21.77
N LEU C 99 -17.09 13.28 22.65
CA LEU C 99 -17.69 14.58 22.34
C LEU C 99 -16.95 15.26 21.20
N THR C 100 -15.61 15.17 21.22
CA THR C 100 -14.80 15.78 20.18
C THR C 100 -15.08 15.15 18.81
N ASN C 101 -15.27 13.83 18.78
CA ASN C 101 -15.49 13.16 17.51
C ASN C 101 -16.86 13.47 16.93
N GLU C 102 -17.87 13.58 17.76
CA GLU C 102 -19.19 14.02 17.30
C GLU C 102 -19.13 15.40 16.66
N LEU C 103 -18.47 16.35 17.34
CA LEU C 103 -18.36 17.68 16.78
C LEU C 103 -17.54 17.69 15.51
N LEU C 104 -16.49 16.87 15.44
CA LEU C 104 -15.78 16.70 14.17
C LEU C 104 -16.71 16.19 13.07
N LYS C 105 -17.45 15.11 13.36
CA LYS C 105 -18.40 14.60 12.40
C LYS C 105 -19.42 15.66 12.05
N LYS C 106 -19.90 16.39 13.07
CA LYS C 106 -20.94 17.40 12.84
C LYS C 106 -20.46 18.50 11.93
N ASP C 107 -19.17 18.88 12.00
CA ASP C 107 -18.61 19.92 11.15
C ASP C 107 -17.92 19.36 9.91
N GLY C 108 -18.28 18.15 9.48
CA GLY C 108 -17.69 17.46 8.33
C GLY C 108 -16.17 17.31 8.32
N LYS C 109 -15.59 16.81 9.43
CA LYS C 109 -14.14 16.66 9.54
C LYS C 109 -13.83 15.20 9.87
N VAL C 110 -12.67 14.71 9.40
CA VAL C 110 -12.23 13.35 9.73
C VAL C 110 -12.11 13.21 11.24
N GLN C 111 -12.49 12.04 11.76
CA GLN C 111 -12.48 11.81 13.20
C GLN C 111 -11.29 10.98 13.63
N ALA C 112 -10.96 11.09 14.91
CA ALA C 112 -9.98 10.20 15.53
C ALA C 112 -10.47 8.75 15.51
N THR C 113 -9.60 7.84 15.05
CA THR C 113 -10.00 6.44 14.87
C THR C 113 -10.40 5.80 16.22
N ASN C 114 -9.84 6.28 17.32
CA ASN C 114 -10.14 5.75 18.64
C ASN C 114 -10.78 6.83 19.49
N SER C 115 -11.73 6.43 20.34
CA SER C 115 -12.39 7.35 21.25
C SER C 115 -12.29 6.89 22.71
N PHE C 116 -12.56 7.84 23.59
CA PHE C 116 -12.66 7.59 25.03
C PHE C 116 -13.76 8.48 25.58
N SER C 117 -14.15 8.21 26.81
CA SER C 117 -15.30 8.90 27.35
C SER C 117 -15.08 9.17 28.82
N GLY C 118 -15.85 10.13 29.33
CA GLY C 118 -15.84 10.37 30.76
C GLY C 118 -14.80 11.37 31.22
N VAL C 119 -14.38 11.22 32.48
CA VAL C 119 -13.58 12.25 33.16
C VAL C 119 -12.09 11.98 33.08
N ASN C 120 -11.67 10.73 33.28
CA ASN C 120 -10.25 10.35 33.33
C ASN C 120 -10.02 9.21 32.36
N TYR C 121 -8.99 9.33 31.53
CA TYR C 121 -8.61 8.27 30.59
C TYR C 121 -7.09 8.19 30.55
N TRP C 122 -6.57 6.97 30.53
CA TRP C 122 -5.12 6.74 30.40
C TRP C 122 -4.81 6.47 28.92
N LEU C 123 -4.15 7.42 28.26
CA LEU C 123 -3.61 7.14 26.93
C LEU C 123 -2.41 6.21 27.03
N VAL C 124 -1.48 6.51 27.93
CA VAL C 124 -0.39 5.63 28.30
C VAL C 124 -0.39 5.57 29.82
N LYS C 125 -0.65 4.39 30.36
CA LYS C 125 -0.74 4.20 31.80
C LYS C 125 0.48 4.81 32.50
N ASN C 126 0.21 5.60 33.54
CA ASN C 126 1.20 6.24 34.41
C ASN C 126 2.05 7.30 33.72
N LYS C 127 1.86 7.56 32.42
CA LYS C 127 2.69 8.54 31.74
C LYS C 127 1.88 9.65 31.07
N ILE C 128 0.77 9.32 30.40
CA ILE C 128 -0.04 10.32 29.73
C ILE C 128 -1.48 10.13 30.15
N GLU C 129 -2.03 11.10 30.89
CA GLU C 129 -3.40 11.07 31.36
C GLU C 129 -4.19 12.17 30.68
N VAL C 130 -5.44 11.87 30.34
CA VAL C 130 -6.36 12.85 29.77
C VAL C 130 -7.47 13.09 30.77
N PHE C 131 -7.82 14.37 30.98
CA PHE C 131 -8.79 14.74 32.01
C PHE C 131 -9.84 15.69 31.42
N TYR C 132 -11.12 15.48 31.78
CA TYR C 132 -12.22 16.31 31.28
C TYR C 132 -12.76 17.20 32.39
N PRO C 133 -12.46 18.50 32.38
CA PRO C 133 -12.93 19.38 33.46
C PRO C 133 -14.38 19.76 33.36
N GLY C 134 -15.05 19.43 32.26
CA GLY C 134 -16.34 19.98 31.96
C GLY C 134 -16.23 21.04 30.88
N PRO C 135 -17.37 21.44 30.33
CA PRO C 135 -17.38 22.48 29.32
C PRO C 135 -16.69 23.75 29.81
N GLY C 136 -16.08 24.44 28.85
CA GLY C 136 -15.34 25.66 29.09
C GLY C 136 -15.09 26.30 27.74
N HIS C 137 -13.89 26.08 27.18
CA HIS C 137 -13.60 26.72 25.91
C HIS C 137 -14.46 26.14 24.79
N THR C 138 -14.69 24.82 24.81
CA THR C 138 -15.63 24.14 23.94
C THR C 138 -16.41 23.15 24.79
N PRO C 139 -17.47 22.51 24.28
CA PRO C 139 -18.21 21.54 25.11
C PRO C 139 -17.40 20.33 25.52
N ASP C 140 -16.34 20.02 24.81
CA ASP C 140 -15.62 18.76 24.87
C ASP C 140 -14.22 18.86 25.47
N ASN C 141 -13.73 20.06 25.78
CA ASN C 141 -12.29 20.24 25.98
C ASN C 141 -11.77 19.34 27.10
N VAL C 142 -10.59 18.76 26.85
CA VAL C 142 -9.84 17.99 27.83
C VAL C 142 -8.42 18.54 27.90
N VAL C 143 -7.73 18.16 28.96
CA VAL C 143 -6.35 18.54 29.20
C VAL C 143 -5.56 17.24 29.28
N VAL C 144 -4.26 17.35 29.11
CA VAL C 144 -3.39 16.18 29.15
C VAL C 144 -2.36 16.38 30.25
N TRP C 145 -2.25 15.40 31.13
CA TRP C 145 -1.39 15.48 32.31
C TRP C 145 -0.24 14.48 32.16
N LEU C 146 0.97 14.92 32.50
CA LEU C 146 2.16 14.10 32.41
C LEU C 146 2.68 13.91 33.83
N PRO C 147 2.23 12.89 34.56
CA PRO C 147 2.53 12.83 36.00
C PRO C 147 4.02 12.80 36.32
N GLU C 148 4.85 12.11 35.51
CA GLU C 148 6.27 12.04 35.85
C GLU C 148 6.94 13.41 35.80
N ARG C 149 6.57 14.25 34.83
CA ARG C 149 7.12 15.59 34.73
C ARG C 149 6.25 16.65 35.37
N LYS C 150 5.03 16.30 35.77
CA LYS C 150 4.05 17.24 36.29
C LYS C 150 3.86 18.40 35.33
N ILE C 151 3.66 18.07 34.06
CA ILE C 151 3.37 19.03 33.01
C ILE C 151 1.93 18.84 32.58
N LEU C 152 1.16 19.94 32.57
CA LEU C 152 -0.21 19.94 32.11
C LEU C 152 -0.27 20.71 30.78
N PHE C 153 -0.71 20.04 29.71
CA PHE C 153 -1.09 20.73 28.49
C PHE C 153 -2.56 21.12 28.57
N GLY C 154 -2.85 22.41 28.57
CA GLY C 154 -4.21 22.85 28.83
C GLY C 154 -4.97 23.23 27.58
N GLY C 155 -4.26 23.42 26.47
CA GLY C 155 -4.94 23.67 25.23
C GLY C 155 -5.64 25.01 25.24
N CYS C 156 -6.76 25.08 24.54
CA CYS C 156 -7.41 26.38 24.46
C CYS C 156 -8.32 26.65 25.67
N PHE C 157 -8.29 25.75 26.66
CA PHE C 157 -8.93 26.01 27.94
C PHE C 157 -8.11 26.98 28.79
N ILE C 158 -6.78 27.03 28.61
CA ILE C 158 -5.98 27.83 29.51
C ILE C 158 -5.97 29.25 28.95
N LYS C 159 -6.70 30.14 29.61
CA LYS C 159 -6.94 31.50 29.11
C LYS C 159 -6.71 32.51 30.23
N PRO C 160 -5.44 32.82 30.54
CA PRO C 160 -5.16 33.73 31.66
C PRO C 160 -5.45 35.21 31.38
N TYR C 161 -5.47 35.65 30.13
CA TYR C 161 -5.68 37.07 29.85
C TYR C 161 -6.67 37.19 28.67
N GLY C 162 -7.95 37.07 28.99
CA GLY C 162 -8.98 37.02 27.97
C GLY C 162 -9.28 35.62 27.49
N LEU C 163 -10.57 35.33 27.33
CA LEU C 163 -11.07 33.98 27.08
C LEU C 163 -10.90 33.51 25.64
N GLY C 164 -10.50 34.39 24.72
CA GLY C 164 -10.44 33.97 23.32
C GLY C 164 -11.81 33.91 22.67
N ASN C 165 -11.91 33.09 21.62
CA ASN C 165 -13.13 33.05 20.82
C ASN C 165 -14.24 32.34 21.58
N LEU C 166 -15.40 32.98 21.66
CA LEU C 166 -16.49 32.50 22.49
C LEU C 166 -17.56 31.76 21.72
N GLY C 167 -17.38 31.56 20.41
CA GLY C 167 -18.44 30.99 19.59
C GLY C 167 -18.92 29.65 20.11
N ASP C 168 -17.99 28.76 20.46
CA ASP C 168 -18.33 27.44 20.97
C ASP C 168 -18.13 27.32 22.49
N ALA C 169 -17.93 28.43 23.18
CA ALA C 169 -17.68 28.37 24.60
C ALA C 169 -18.98 28.23 25.38
N ASN C 170 -18.85 27.73 26.59
CA ASN C 170 -19.93 27.59 27.56
C ASN C 170 -19.57 28.48 28.73
N ILE C 171 -20.00 29.75 28.66
CA ILE C 171 -19.62 30.73 29.68
C ILE C 171 -20.20 30.35 31.04
N GLU C 172 -21.36 29.69 31.07
CA GLU C 172 -21.96 29.32 32.34
C GLU C 172 -21.19 28.22 33.06
N ALA C 173 -20.57 27.31 32.30
CA ALA C 173 -19.91 26.15 32.86
C ALA C 173 -18.45 26.41 33.22
N TRP C 174 -17.74 27.17 32.39
CA TRP C 174 -16.29 27.36 32.53
C TRP C 174 -15.83 27.60 33.97
N PRO C 175 -16.39 28.55 34.74
CA PRO C 175 -15.92 28.74 36.13
C PRO C 175 -15.94 27.47 36.95
N LYS C 176 -17.05 26.73 36.87
CA LYS C 176 -17.12 25.38 37.44
C LYS C 176 -15.98 24.52 36.92
N SER C 177 -15.85 24.45 35.60
CA SER C 177 -14.81 23.60 35.02
C SER C 177 -13.41 24.09 35.36
N ALA C 178 -13.20 25.40 35.45
CA ALA C 178 -11.89 25.92 35.85
C ALA C 178 -11.53 25.55 37.30
N LYS C 179 -12.49 25.64 38.23
CA LYS C 179 -12.17 25.39 39.63
C LYS C 179 -11.83 23.93 39.85
N LEU C 180 -12.55 23.05 39.18
CA LEU C 180 -12.17 21.65 39.26
C LEU C 180 -10.78 21.43 38.66
N LEU C 181 -10.49 22.07 37.52
CA LEU C 181 -9.16 21.93 36.93
C LEU C 181 -8.09 22.44 37.88
N LYS C 182 -8.30 23.63 38.45
CA LYS C 182 -7.35 24.17 39.41
C LYS C 182 -7.14 23.22 40.59
N SER C 183 -8.23 22.73 41.19
CA SER C 183 -8.08 21.85 42.35
C SER C 183 -7.39 20.54 42.00
N LYS C 184 -7.59 20.04 40.79
CA LYS C 184 -7.02 18.75 40.43
C LYS C 184 -5.52 18.85 40.14
N TYR C 185 -5.08 19.96 39.56
CA TYR C 185 -3.73 20.03 39.02
C TYR C 185 -2.94 21.20 39.61
N GLY C 186 -3.28 21.59 40.84
CA GLY C 186 -2.53 22.65 41.49
C GLY C 186 -1.06 22.32 41.67
N LYS C 187 -0.74 21.04 41.83
CA LYS C 187 0.64 20.61 42.01
C LYS C 187 1.45 20.68 40.71
N ALA C 188 0.86 21.17 39.63
CA ALA C 188 1.54 21.18 38.34
C ALA C 188 2.76 22.08 38.37
N LYS C 189 3.85 21.63 37.75
CA LYS C 189 5.04 22.47 37.63
C LYS C 189 4.94 23.41 36.43
N LEU C 190 4.51 22.90 35.28
CA LEU C 190 4.34 23.72 34.10
C LEU C 190 2.94 23.53 33.55
N VAL C 191 2.34 24.61 33.10
CA VAL C 191 1.06 24.56 32.41
C VAL C 191 1.26 25.15 31.02
N VAL C 192 0.86 24.41 29.99
CA VAL C 192 1.11 24.77 28.61
C VAL C 192 -0.21 25.18 27.97
N PRO C 193 -0.43 26.47 27.71
CA PRO C 193 -1.59 26.91 26.93
C PRO C 193 -1.36 26.77 25.43
N SER C 194 -2.48 26.74 24.69
CA SER C 194 -2.42 26.66 23.23
C SER C 194 -1.82 27.90 22.58
N HIS C 195 -2.16 29.10 23.10
CA HIS C 195 -1.93 30.35 22.38
C HIS C 195 -1.15 31.39 23.19
N SER C 196 -0.51 31.01 24.29
CA SER C 196 0.35 31.91 25.04
C SER C 196 1.46 31.10 25.70
N GLU C 197 2.40 31.83 26.31
CA GLU C 197 3.61 31.20 26.78
C GLU C 197 3.34 30.23 27.93
N VAL C 198 4.23 29.23 28.05
CA VAL C 198 4.21 28.30 29.15
C VAL C 198 4.31 29.06 30.47
N GLY C 199 3.58 28.58 31.48
CA GLY C 199 3.60 29.22 32.78
C GLY C 199 3.64 28.17 33.87
N ASP C 200 3.45 28.57 35.12
CA ASP C 200 3.34 27.62 36.21
C ASP C 200 1.85 27.44 36.57
N ALA C 201 1.58 26.82 37.72
CA ALA C 201 0.20 26.55 38.09
C ALA C 201 -0.63 27.81 38.27
N SER C 202 -0.01 29.00 38.34
CA SER C 202 -0.79 30.23 38.45
C SER C 202 -1.68 30.44 37.23
N LEU C 203 -1.36 29.79 36.11
CA LEU C 203 -2.24 29.86 34.95
C LEU C 203 -3.61 29.28 35.26
N LEU C 204 -3.69 28.28 36.16
CA LEU C 204 -4.98 27.71 36.54
C LEU C 204 -5.82 28.69 37.34
N LYS C 205 -5.19 29.54 38.14
CA LYS C 205 -5.92 30.55 38.88
C LYS C 205 -6.39 31.67 37.97
N LEU C 206 -5.51 32.15 37.08
CA LEU C 206 -5.88 33.26 36.20
C LEU C 206 -6.99 32.85 35.23
N THR C 207 -6.95 31.61 34.72
CA THR C 207 -8.04 31.08 33.90
C THR C 207 -9.36 31.13 34.65
N LEU C 208 -9.38 30.59 35.88
CA LEU C 208 -10.59 30.61 36.69
C LEU C 208 -11.09 32.04 36.90
N GLU C 209 -10.17 32.94 37.26
CA GLU C 209 -10.47 34.37 37.29
C GLU C 209 -11.05 34.84 35.96
N GLN C 210 -10.42 34.52 34.84
CA GLN C 210 -10.94 35.01 33.57
C GLN C 210 -12.34 34.47 33.30
N ALA C 211 -12.62 33.21 33.60
CA ALA C 211 -13.93 32.67 33.27
C ALA C 211 -15.02 33.26 34.16
N VAL C 212 -14.70 33.60 35.41
CA VAL C 212 -15.65 34.31 36.25
C VAL C 212 -15.99 35.68 35.67
N LYS C 213 -14.96 36.42 35.22
CA LYS C 213 -15.19 37.76 34.66
C LYS C 213 -16.11 37.68 33.44
N GLY C 214 -15.76 36.84 32.45
CA GLY C 214 -16.59 36.70 31.27
C GLY C 214 -18.02 36.30 31.56
N LEU C 215 -18.24 35.48 32.58
CA LEU C 215 -19.60 35.21 33.01
C LEU C 215 -20.24 36.44 33.63
N ASN C 216 -19.50 37.18 34.48
CA ASN C 216 -20.01 38.45 34.98
C ASN C 216 -20.34 39.40 33.84
N GLU C 217 -19.41 39.52 32.88
CA GLU C 217 -19.58 40.50 31.80
C GLU C 217 -20.73 40.17 30.87
N SER C 218 -21.19 38.92 30.83
CA SER C 218 -22.33 38.57 29.99
C SER C 218 -23.67 38.92 30.63
N LYS C 219 -23.68 39.81 31.62
CA LYS C 219 -24.89 40.22 32.31
C LYS C 219 -24.94 41.73 32.56
N SER D 1 -15.94 -12.88 -3.71
CA SER D 1 -16.89 -13.80 -4.31
C SER D 1 -17.00 -13.61 -5.83
N LEU D 2 -17.89 -14.37 -6.48
CA LEU D 2 -17.97 -14.36 -7.92
C LEU D 2 -19.34 -13.92 -8.40
N PRO D 3 -19.40 -13.22 -9.54
CA PRO D 3 -20.69 -12.87 -10.13
C PRO D 3 -21.41 -14.10 -10.66
N ASP D 4 -22.74 -13.97 -10.76
CA ASP D 4 -23.58 -15.05 -11.26
C ASP D 4 -23.36 -15.26 -12.76
N LEU D 5 -23.57 -16.50 -13.20
CA LEU D 5 -23.60 -16.79 -14.62
C LEU D 5 -24.54 -15.83 -15.32
N LYS D 6 -24.09 -15.28 -16.46
CA LYS D 6 -24.88 -14.40 -17.29
C LYS D 6 -25.27 -15.12 -18.58
N ILE D 7 -26.50 -14.87 -19.04
CA ILE D 7 -27.01 -15.40 -20.30
C ILE D 7 -27.74 -14.27 -21.01
N GLU D 8 -27.21 -13.80 -22.13
CA GLU D 8 -27.82 -12.72 -22.89
C GLU D 8 -27.94 -13.11 -24.35
N LYS D 9 -29.08 -12.80 -24.95
CA LYS D 9 -29.27 -13.04 -26.37
C LYS D 9 -28.35 -12.13 -27.20
N LEU D 10 -27.70 -12.71 -28.20
CA LEU D 10 -26.85 -11.96 -29.11
C LEU D 10 -27.43 -11.82 -30.50
N ASP D 11 -28.26 -12.77 -30.91
CA ASP D 11 -28.87 -12.77 -32.23
C ASP D 11 -29.90 -13.89 -32.20
N GLU D 12 -30.69 -13.97 -33.26
CA GLU D 12 -31.71 -15.02 -33.34
C GLU D 12 -31.07 -16.38 -33.10
N GLY D 13 -31.57 -17.09 -32.08
CA GLY D 13 -31.07 -18.42 -31.78
C GLY D 13 -29.65 -18.48 -31.24
N VAL D 14 -29.06 -17.37 -30.83
CA VAL D 14 -27.67 -17.34 -30.37
C VAL D 14 -27.61 -16.59 -29.04
N TYR D 15 -27.09 -17.23 -28.02
CA TYR D 15 -26.88 -16.59 -26.73
C TYR D 15 -25.40 -16.64 -26.37
N VAL D 16 -24.95 -15.61 -25.66
CA VAL D 16 -23.64 -15.60 -25.02
C VAL D 16 -23.85 -15.91 -23.54
N HIS D 17 -23.12 -16.91 -23.03
CA HIS D 17 -23.06 -17.15 -21.60
C HIS D 17 -21.71 -16.72 -21.07
N THR D 18 -21.72 -16.03 -19.94
CA THR D 18 -20.51 -15.50 -19.32
C THR D 18 -20.42 -16.05 -17.89
N SER D 19 -19.35 -16.75 -17.60
CA SER D 19 -19.10 -17.24 -16.25
C SER D 19 -17.79 -16.66 -15.76
N PHE D 20 -17.49 -16.88 -14.48
CA PHE D 20 -16.39 -16.20 -13.82
C PHE D 20 -15.70 -17.18 -12.88
N GLU D 21 -14.41 -16.97 -12.68
CA GLU D 21 -13.67 -17.69 -11.65
C GLU D 21 -12.57 -16.78 -11.11
N GLU D 22 -12.00 -17.21 -10.00
CA GLU D 22 -10.90 -16.53 -9.33
C GLU D 22 -9.60 -17.22 -9.71
N VAL D 23 -8.61 -16.44 -10.13
CA VAL D 23 -7.31 -17.00 -10.53
C VAL D 23 -6.21 -16.29 -9.76
N ASN D 24 -5.26 -17.08 -9.25
CA ASN D 24 -4.05 -16.56 -8.61
C ASN D 24 -3.44 -15.40 -9.38
N GLY D 25 -3.10 -14.33 -8.66
CA GLY D 25 -2.39 -13.21 -9.26
C GLY D 25 -3.33 -12.24 -9.94
N TRP D 26 -4.08 -12.74 -10.92
CA TRP D 26 -5.21 -11.99 -11.45
C TRP D 26 -6.25 -11.91 -10.34
N GLY D 27 -7.44 -11.45 -10.67
CA GLY D 27 -8.50 -11.70 -9.72
C GLY D 27 -9.60 -12.52 -10.33
N VAL D 28 -10.78 -11.94 -10.33
CA VAL D 28 -11.93 -12.52 -10.99
C VAL D 28 -11.82 -12.26 -12.50
N VAL D 29 -12.04 -13.29 -13.29
CA VAL D 29 -11.86 -13.21 -14.73
C VAL D 29 -13.12 -13.74 -15.43
N PRO D 30 -13.54 -13.13 -16.53
CA PRO D 30 -14.75 -13.61 -17.23
C PRO D 30 -14.40 -14.63 -18.29
N LYS D 31 -15.43 -15.36 -18.75
CA LYS D 31 -15.29 -16.31 -19.85
C LYS D 31 -16.58 -16.35 -20.64
N HIS D 32 -16.52 -16.04 -21.93
CA HIS D 32 -17.70 -16.08 -22.78
C HIS D 32 -17.72 -17.37 -23.60
N GLY D 33 -18.89 -17.99 -23.63
CA GLY D 33 -19.21 -19.00 -24.62
C GLY D 33 -20.57 -18.69 -25.21
N LEU D 34 -21.07 -19.62 -26.03
CA LEU D 34 -22.34 -19.45 -26.74
C LEU D 34 -23.29 -20.60 -26.44
N VAL D 35 -24.59 -20.33 -26.62
CA VAL D 35 -25.59 -21.37 -26.81
C VAL D 35 -26.27 -21.09 -28.15
N VAL D 36 -26.35 -22.11 -29.00
CA VAL D 36 -26.95 -21.98 -30.32
C VAL D 36 -28.20 -22.85 -30.35
N LEU D 37 -29.31 -22.25 -30.80
CA LEU D 37 -30.61 -22.91 -30.87
C LEU D 37 -30.85 -23.42 -32.28
N VAL D 38 -31.23 -24.68 -32.39
CA VAL D 38 -31.60 -25.29 -33.66
C VAL D 38 -32.95 -25.93 -33.42
N ASN D 39 -34.02 -25.28 -33.89
CA ASN D 39 -35.39 -25.70 -33.61
C ASN D 39 -35.54 -25.77 -32.10
N ALA D 40 -36.04 -26.87 -31.53
CA ALA D 40 -36.26 -26.95 -30.09
C ALA D 40 -35.06 -27.53 -29.34
N GLU D 41 -33.90 -27.56 -29.97
CA GLU D 41 -32.71 -28.12 -29.37
C GLU D 41 -31.65 -27.03 -29.16
N ALA D 42 -30.77 -27.26 -28.20
CA ALA D 42 -29.72 -26.31 -27.85
C ALA D 42 -28.37 -26.99 -27.90
N TYR D 43 -27.36 -26.26 -28.35
CA TYR D 43 -25.97 -26.74 -28.34
C TYR D 43 -25.12 -25.77 -27.55
N LEU D 44 -24.31 -26.29 -26.63
CA LEU D 44 -23.38 -25.43 -25.90
C LEU D 44 -22.10 -25.26 -26.71
N ILE D 45 -21.65 -24.01 -26.85
CA ILE D 45 -20.37 -23.70 -27.49
C ILE D 45 -19.42 -23.29 -26.38
N ASP D 46 -18.59 -24.24 -25.91
CA ASP D 46 -17.78 -24.12 -24.70
C ASP D 46 -18.63 -24.20 -23.44
N THR D 47 -18.09 -24.84 -22.39
CA THR D 47 -18.71 -24.91 -21.08
C THR D 47 -18.16 -23.80 -20.18
N PRO D 48 -18.93 -23.37 -19.19
CA PRO D 48 -18.37 -22.54 -18.13
C PRO D 48 -17.30 -23.31 -17.34
N PHE D 49 -16.66 -22.63 -16.38
CA PHE D 49 -15.56 -23.23 -15.63
C PHE D 49 -16.00 -24.44 -14.81
N THR D 50 -17.20 -24.41 -14.23
CA THR D 50 -17.56 -25.40 -13.24
C THR D 50 -18.75 -26.23 -13.66
N ALA D 51 -18.92 -27.34 -12.94
CA ALA D 51 -20.14 -28.13 -13.03
C ALA D 51 -21.35 -27.28 -12.69
N LYS D 52 -21.29 -26.57 -11.56
CA LYS D 52 -22.41 -25.79 -11.07
C LYS D 52 -22.95 -24.83 -12.14
N ASP D 53 -22.07 -24.03 -12.77
CA ASP D 53 -22.53 -23.10 -13.80
C ASP D 53 -22.97 -23.80 -15.09
N THR D 54 -22.36 -24.94 -15.43
CA THR D 54 -22.86 -25.71 -16.56
C THR D 54 -24.29 -26.18 -16.31
N GLU D 55 -24.55 -26.65 -15.10
CA GLU D 55 -25.90 -27.08 -14.75
C GLU D 55 -26.86 -25.91 -14.80
N LYS D 56 -26.49 -24.77 -14.20
CA LYS D 56 -27.36 -23.60 -14.30
C LYS D 56 -27.61 -23.24 -15.76
N LEU D 57 -26.57 -23.28 -16.59
CA LEU D 57 -26.72 -22.90 -17.98
C LEU D 57 -27.67 -23.86 -18.68
N VAL D 58 -27.45 -25.16 -18.51
CA VAL D 58 -28.32 -26.17 -19.11
C VAL D 58 -29.74 -26.05 -18.56
N THR D 59 -29.87 -25.79 -17.25
CA THR D 59 -31.21 -25.72 -16.66
C THR D 59 -32.00 -24.54 -17.24
N TRP D 60 -31.33 -23.41 -17.49
CA TRP D 60 -32.00 -22.25 -18.05
C TRP D 60 -32.71 -22.59 -19.35
N PHE D 61 -32.05 -23.34 -20.23
CA PHE D 61 -32.62 -23.66 -21.53
C PHE D 61 -33.59 -24.83 -21.47
N VAL D 62 -33.33 -25.82 -20.61
CA VAL D 62 -34.25 -26.96 -20.50
C VAL D 62 -35.58 -26.52 -19.90
N GLU D 63 -35.55 -25.69 -18.84
CA GLU D 63 -36.79 -25.17 -18.30
C GLU D 63 -37.53 -24.30 -19.30
N ARG D 64 -36.89 -23.92 -20.40
CA ARG D 64 -37.55 -23.16 -21.45
C ARG D 64 -37.89 -24.02 -22.67
N GLY D 65 -37.85 -25.34 -22.52
CA GLY D 65 -38.30 -26.25 -23.55
C GLY D 65 -37.24 -26.76 -24.49
N TYR D 66 -35.98 -26.36 -24.34
CA TYR D 66 -34.95 -26.76 -25.27
C TYR D 66 -34.24 -27.99 -24.72
N LYS D 67 -34.11 -29.01 -25.56
CA LYS D 67 -33.29 -30.17 -25.24
C LYS D 67 -31.83 -29.87 -25.58
N ILE D 68 -30.93 -30.18 -24.64
CA ILE D 68 -29.49 -30.00 -24.90
C ILE D 68 -29.04 -31.16 -25.77
N LYS D 69 -28.84 -30.90 -27.07
CA LYS D 69 -28.41 -31.98 -27.95
C LYS D 69 -26.90 -32.13 -28.01
N GLY D 70 -26.15 -31.21 -27.42
CA GLY D 70 -24.72 -31.36 -27.41
C GLY D 70 -23.98 -30.15 -26.89
N SER D 71 -22.72 -30.35 -26.48
CA SER D 71 -21.79 -29.27 -26.18
C SER D 71 -20.51 -29.51 -26.96
N ILE D 72 -19.88 -28.44 -27.44
CA ILE D 72 -18.58 -28.57 -28.04
C ILE D 72 -17.62 -27.66 -27.28
N SER D 73 -16.42 -28.17 -27.04
CA SER D 73 -15.38 -27.46 -26.30
C SER D 73 -14.30 -27.00 -27.27
N SER D 74 -14.04 -25.70 -27.31
CA SER D 74 -13.13 -25.13 -28.31
C SER D 74 -11.67 -25.48 -28.05
N HIS D 75 -11.30 -25.87 -26.83
CA HIS D 75 -9.94 -26.32 -26.53
C HIS D 75 -9.95 -26.92 -25.11
N PHE D 76 -8.78 -27.35 -24.63
CA PHE D 76 -8.74 -28.19 -23.43
C PHE D 76 -8.69 -27.41 -22.13
N HIS D 77 -8.30 -26.14 -22.15
CA HIS D 77 -8.25 -25.33 -20.93
C HIS D 77 -9.57 -25.38 -20.17
N SER D 78 -9.49 -25.18 -18.86
CA SER D 78 -10.64 -25.33 -17.99
C SER D 78 -11.76 -24.35 -18.31
N ASP D 79 -11.50 -23.25 -19.04
CA ASP D 79 -12.58 -22.31 -19.35
C ASP D 79 -13.43 -22.74 -20.53
N SER D 80 -13.04 -23.79 -21.24
CA SER D 80 -13.87 -24.35 -22.30
C SER D 80 -14.41 -25.74 -22.01
N THR D 81 -13.79 -26.47 -21.08
CA THR D 81 -14.09 -27.87 -20.82
C THR D 81 -14.56 -28.12 -19.39
N GLY D 82 -14.66 -27.09 -18.56
CA GLY D 82 -14.97 -27.28 -17.15
C GLY D 82 -16.19 -28.15 -16.88
N GLY D 83 -17.22 -28.04 -17.72
CA GLY D 83 -18.46 -28.75 -17.50
C GLY D 83 -18.58 -30.13 -18.11
N ILE D 84 -17.54 -30.64 -18.78
CA ILE D 84 -17.67 -31.92 -19.49
C ILE D 84 -17.98 -33.07 -18.55
N GLU D 85 -17.30 -33.13 -17.39
CA GLU D 85 -17.58 -34.22 -16.45
C GLU D 85 -19.06 -34.24 -16.06
N TRP D 86 -19.62 -33.07 -15.74
CA TRP D 86 -21.05 -32.98 -15.42
C TRP D 86 -21.91 -33.39 -16.63
N LEU D 87 -21.63 -32.80 -17.79
CA LEU D 87 -22.46 -33.10 -18.96
C LEU D 87 -22.46 -34.59 -19.29
N ASN D 88 -21.28 -35.22 -19.30
CA ASN D 88 -21.22 -36.67 -19.49
C ASN D 88 -22.04 -37.41 -18.42
N SER D 89 -22.02 -36.90 -17.18
CA SER D 89 -22.76 -37.56 -16.13
C SER D 89 -24.27 -37.52 -16.41
N ARG D 90 -24.74 -36.54 -17.18
CA ARG D 90 -26.13 -36.44 -17.59
C ARG D 90 -26.37 -36.95 -19.01
N SER D 91 -25.45 -37.73 -19.57
CA SER D 91 -25.56 -38.32 -20.92
C SER D 91 -25.85 -37.32 -22.03
N ILE D 92 -25.44 -36.07 -21.87
CA ILE D 92 -25.49 -35.09 -22.95
C ILE D 92 -24.22 -35.25 -23.79
N PRO D 93 -24.33 -35.51 -25.08
CA PRO D 93 -23.13 -35.76 -25.89
C PRO D 93 -22.19 -34.55 -25.89
N THR D 94 -20.90 -34.82 -25.68
CA THR D 94 -19.87 -33.79 -25.66
C THR D 94 -18.87 -34.00 -26.79
N TYR D 95 -18.45 -32.91 -27.40
CA TYR D 95 -17.53 -32.95 -28.52
C TYR D 95 -16.28 -32.12 -28.26
N ALA D 96 -15.15 -32.60 -28.78
CA ALA D 96 -13.89 -31.86 -28.84
C ALA D 96 -12.97 -32.52 -29.85
N SER D 97 -12.01 -31.75 -30.35
CA SER D 97 -11.08 -32.33 -31.32
C SER D 97 -10.30 -33.46 -30.67
N GLU D 98 -9.75 -34.34 -31.52
CA GLU D 98 -8.88 -35.40 -31.03
C GLU D 98 -7.64 -34.82 -30.34
N LEU D 99 -7.15 -33.67 -30.84
CA LEU D 99 -6.05 -32.98 -30.16
C LEU D 99 -6.49 -32.50 -28.79
N THR D 100 -7.70 -31.94 -28.70
CA THR D 100 -8.21 -31.49 -27.41
C THR D 100 -8.33 -32.65 -26.42
N ASN D 101 -8.92 -33.77 -26.87
CA ASN D 101 -9.12 -34.88 -25.96
C ASN D 101 -7.80 -35.41 -25.45
N GLU D 102 -6.81 -35.45 -26.31
CA GLU D 102 -5.51 -35.96 -25.92
C GLU D 102 -4.89 -35.05 -24.87
N LEU D 103 -5.07 -33.74 -25.00
CA LEU D 103 -4.53 -32.84 -24.00
C LEU D 103 -5.27 -32.96 -22.67
N LEU D 104 -6.60 -33.15 -22.71
CA LEU D 104 -7.38 -33.35 -21.48
C LEU D 104 -6.90 -34.58 -20.72
N LYS D 105 -6.79 -35.71 -21.41
CA LYS D 105 -6.29 -36.95 -20.83
C LYS D 105 -4.93 -36.74 -20.15
N LYS D 106 -3.98 -36.16 -20.87
CA LYS D 106 -2.66 -35.88 -20.29
C LYS D 106 -2.78 -35.08 -19.00
N ASP D 107 -3.72 -34.14 -18.93
CA ASP D 107 -3.90 -33.36 -17.71
C ASP D 107 -4.81 -34.04 -16.70
N GLY D 108 -5.16 -35.30 -16.93
CA GLY D 108 -6.02 -36.00 -15.98
C GLY D 108 -7.41 -35.42 -15.89
N LYS D 109 -7.93 -34.87 -16.99
CA LYS D 109 -9.25 -34.30 -17.04
C LYS D 109 -10.19 -35.18 -17.88
N VAL D 110 -11.46 -35.17 -17.49
CA VAL D 110 -12.48 -35.93 -18.21
C VAL D 110 -12.56 -35.46 -19.66
N GLN D 111 -12.64 -36.42 -20.57
CA GLN D 111 -12.58 -36.16 -22.00
C GLN D 111 -13.98 -36.03 -22.60
N ALA D 112 -14.04 -35.39 -23.76
CA ALA D 112 -15.33 -35.38 -24.45
C ALA D 112 -15.65 -36.80 -24.92
N THR D 113 -16.94 -37.13 -24.95
CA THR D 113 -17.34 -38.46 -25.40
C THR D 113 -17.16 -38.66 -26.89
N ASN D 114 -17.30 -37.60 -27.69
CA ASN D 114 -17.15 -37.66 -29.14
C ASN D 114 -15.99 -36.77 -29.56
N SER D 115 -15.14 -37.31 -30.45
CA SER D 115 -14.05 -36.55 -31.03
C SER D 115 -14.21 -36.44 -32.54
N PHE D 116 -13.36 -35.60 -33.11
CA PHE D 116 -13.31 -35.34 -34.54
C PHE D 116 -11.92 -34.80 -34.81
N SER D 117 -11.53 -34.77 -36.08
CA SER D 117 -10.18 -34.32 -36.39
C SER D 117 -10.16 -33.56 -37.71
N GLY D 118 -8.98 -33.11 -38.08
CA GLY D 118 -8.81 -32.49 -39.37
C GLY D 118 -9.22 -31.03 -39.31
N VAL D 119 -9.44 -30.47 -40.50
CA VAL D 119 -9.63 -29.03 -40.59
C VAL D 119 -11.06 -28.65 -40.28
N ASN D 120 -12.02 -29.16 -41.05
CA ASN D 120 -13.42 -28.78 -40.92
C ASN D 120 -14.23 -29.95 -40.40
N TYR D 121 -15.24 -29.64 -39.58
CA TYR D 121 -16.18 -30.66 -39.12
C TYR D 121 -17.53 -30.01 -38.86
N TRP D 122 -18.59 -30.69 -39.27
CA TRP D 122 -19.96 -30.25 -39.06
C TRP D 122 -20.46 -30.88 -37.77
N LEU D 123 -20.61 -30.06 -36.73
CA LEU D 123 -21.39 -30.50 -35.59
C LEU D 123 -22.86 -30.63 -35.98
N VAL D 124 -23.38 -29.64 -36.70
CA VAL D 124 -24.73 -29.68 -37.28
C VAL D 124 -24.62 -29.13 -38.70
N LYS D 125 -24.99 -29.94 -39.69
CA LYS D 125 -24.84 -29.54 -41.08
C LYS D 125 -25.58 -28.23 -41.36
N ASN D 126 -24.88 -27.33 -42.07
CA ASN D 126 -25.39 -26.01 -42.48
C ASN D 126 -25.72 -25.09 -41.32
N LYS D 127 -25.43 -25.50 -40.09
CA LYS D 127 -25.80 -24.72 -38.92
C LYS D 127 -24.62 -24.40 -38.03
N ILE D 128 -23.83 -25.41 -37.68
CA ILE D 128 -22.71 -25.28 -36.76
C ILE D 128 -21.49 -25.94 -37.41
N GLU D 129 -20.49 -25.14 -37.75
CA GLU D 129 -19.26 -25.65 -38.35
C GLU D 129 -18.09 -25.40 -37.42
N VAL D 130 -17.23 -26.41 -37.29
CA VAL D 130 -15.97 -26.29 -36.54
C VAL D 130 -14.84 -26.14 -37.54
N PHE D 131 -13.90 -25.25 -37.24
CA PHE D 131 -12.73 -25.02 -38.06
C PHE D 131 -11.47 -24.99 -37.19
N TYR D 132 -10.48 -25.79 -37.57
CA TYR D 132 -9.20 -25.82 -36.88
C TYR D 132 -8.19 -24.90 -37.55
N PRO D 133 -7.91 -23.70 -37.03
CA PRO D 133 -7.03 -22.77 -37.76
C PRO D 133 -5.57 -23.17 -37.73
N GLY D 134 -5.19 -24.03 -36.80
CA GLY D 134 -3.80 -24.30 -36.53
C GLY D 134 -3.42 -23.83 -35.14
N PRO D 135 -2.24 -24.21 -34.68
CA PRO D 135 -1.85 -23.89 -33.31
C PRO D 135 -1.80 -22.38 -33.12
N GLY D 136 -2.27 -21.94 -31.96
CA GLY D 136 -2.28 -20.54 -31.65
C GLY D 136 -2.19 -20.33 -30.16
N HIS D 137 -3.31 -19.96 -29.56
CA HIS D 137 -3.39 -19.86 -28.12
C HIS D 137 -3.01 -21.18 -27.45
N THR D 138 -3.43 -22.31 -28.03
CA THR D 138 -3.04 -23.66 -27.64
C THR D 138 -2.83 -24.47 -28.92
N PRO D 139 -2.27 -25.69 -28.84
CA PRO D 139 -2.12 -26.49 -30.08
C PRO D 139 -3.44 -26.97 -30.64
N ASP D 140 -4.51 -26.95 -29.83
CA ASP D 140 -5.74 -27.66 -30.15
C ASP D 140 -6.91 -26.72 -30.43
N ASN D 141 -6.72 -25.41 -30.27
CA ASN D 141 -7.85 -24.50 -30.35
C ASN D 141 -8.55 -24.61 -31.71
N VAL D 142 -9.88 -24.71 -31.65
CA VAL D 142 -10.73 -24.63 -32.82
C VAL D 142 -11.66 -23.45 -32.62
N VAL D 143 -12.28 -23.01 -33.71
CA VAL D 143 -13.31 -22.00 -33.63
C VAL D 143 -14.62 -22.56 -34.18
N VAL D 144 -15.72 -21.91 -33.84
CA VAL D 144 -17.05 -22.39 -34.21
C VAL D 144 -17.74 -21.34 -35.06
N TRP D 145 -18.22 -21.75 -36.24
CA TRP D 145 -18.83 -20.87 -37.23
C TRP D 145 -20.32 -21.19 -37.34
N LEU D 146 -21.13 -20.14 -37.40
CA LEU D 146 -22.59 -20.27 -37.48
C LEU D 146 -22.98 -19.59 -38.79
N PRO D 147 -22.99 -20.33 -39.91
CA PRO D 147 -23.14 -19.68 -41.22
C PRO D 147 -24.41 -18.87 -41.38
N GLU D 148 -25.54 -19.30 -40.79
CA GLU D 148 -26.79 -18.57 -41.03
C GLU D 148 -26.74 -17.18 -40.44
N ARG D 149 -26.03 -17.00 -39.33
CA ARG D 149 -25.90 -15.69 -38.69
C ARG D 149 -24.58 -15.02 -39.00
N LYS D 150 -23.66 -15.71 -39.66
CA LYS D 150 -22.30 -15.23 -39.85
C LYS D 150 -21.69 -14.76 -38.53
N ILE D 151 -21.84 -15.60 -37.52
CA ILE D 151 -21.26 -15.38 -36.19
C ILE D 151 -20.12 -16.37 -36.02
N LEU D 152 -18.94 -15.86 -35.68
CA LEU D 152 -17.80 -16.71 -35.41
C LEU D 152 -17.51 -16.68 -33.92
N PHE D 153 -17.52 -17.84 -33.28
CA PHE D 153 -16.97 -17.95 -31.94
C PHE D 153 -15.50 -18.30 -32.10
N GLY D 154 -14.62 -17.46 -31.56
CA GLY D 154 -13.20 -17.64 -31.76
C GLY D 154 -12.45 -18.14 -30.55
N GLY D 155 -13.06 -18.03 -29.36
CA GLY D 155 -12.42 -18.62 -28.21
C GLY D 155 -11.20 -17.84 -27.73
N CYS D 156 -10.30 -18.55 -27.04
CA CYS D 156 -9.17 -17.86 -26.46
C CYS D 156 -8.08 -17.61 -27.48
N PHE D 157 -8.39 -17.88 -28.75
CA PHE D 157 -7.55 -17.55 -29.90
C PHE D 157 -7.75 -16.10 -30.31
N ILE D 158 -8.95 -15.55 -30.15
CA ILE D 158 -9.22 -14.18 -30.58
C ILE D 158 -8.66 -13.25 -29.52
N LYS D 159 -7.53 -12.61 -29.81
CA LYS D 159 -6.80 -11.81 -28.84
C LYS D 159 -6.41 -10.48 -29.46
N PRO D 160 -7.37 -9.57 -29.64
CA PRO D 160 -7.07 -8.29 -30.30
C PRO D 160 -6.11 -7.40 -29.53
N TYR D 161 -5.98 -7.56 -28.19
CA TYR D 161 -5.14 -6.65 -27.41
C TYR D 161 -4.33 -7.44 -26.38
N GLY D 162 -3.27 -8.10 -26.86
CA GLY D 162 -2.45 -8.94 -26.02
C GLY D 162 -2.92 -10.39 -26.06
N LEU D 163 -1.96 -11.31 -26.09
CA LEU D 163 -2.23 -12.70 -26.43
C LEU D 163 -2.69 -13.55 -25.25
N GLY D 164 -2.69 -13.00 -24.03
CA GLY D 164 -3.11 -13.77 -22.86
C GLY D 164 -2.00 -14.67 -22.35
N ASN D 165 -2.40 -15.81 -21.78
CA ASN D 165 -1.43 -16.75 -21.23
C ASN D 165 -0.73 -17.52 -22.35
N LEU D 166 0.61 -17.52 -22.32
CA LEU D 166 1.40 -18.08 -23.40
C LEU D 166 1.97 -19.46 -23.09
N GLY D 167 1.73 -19.99 -21.90
CA GLY D 167 2.35 -21.24 -21.49
C GLY D 167 2.08 -22.39 -22.43
N ASP D 168 0.88 -22.46 -23.00
CA ASP D 168 0.51 -23.49 -23.98
C ASP D 168 0.48 -22.94 -25.40
N ALA D 169 0.88 -21.70 -25.59
CA ALA D 169 0.77 -21.07 -26.90
C ALA D 169 1.90 -21.51 -27.83
N ASN D 170 1.61 -21.41 -29.13
CA ASN D 170 2.57 -21.70 -30.20
C ASN D 170 2.83 -20.37 -30.90
N ILE D 171 3.84 -19.63 -30.42
CA ILE D 171 4.10 -18.30 -30.94
C ILE D 171 4.52 -18.33 -32.41
N GLU D 172 5.20 -19.41 -32.83
CA GLU D 172 5.68 -19.52 -34.20
C GLU D 172 4.54 -19.72 -35.19
N ALA D 173 3.52 -20.51 -34.80
CA ALA D 173 2.44 -20.89 -35.71
C ALA D 173 1.28 -19.91 -35.72
N TRP D 174 1.08 -19.18 -34.62
CA TRP D 174 -0.10 -18.34 -34.43
C TRP D 174 -0.33 -17.37 -35.59
N PRO D 175 0.68 -16.62 -36.09
CA PRO D 175 0.41 -15.70 -37.19
C PRO D 175 0.00 -16.40 -38.46
N LYS D 176 0.59 -17.58 -38.74
CA LYS D 176 0.12 -18.37 -39.87
C LYS D 176 -1.30 -18.86 -39.63
N SER D 177 -1.58 -19.42 -38.44
CA SER D 177 -2.96 -19.80 -38.11
C SER D 177 -3.91 -18.60 -38.14
N ALA D 178 -3.44 -17.43 -37.68
CA ALA D 178 -4.30 -16.25 -37.63
C ALA D 178 -4.60 -15.70 -39.03
N LYS D 179 -3.62 -15.78 -39.96
CA LYS D 179 -3.88 -15.38 -41.34
C LYS D 179 -4.87 -16.33 -42.02
N LEU D 180 -4.77 -17.63 -41.74
CA LEU D 180 -5.76 -18.54 -42.32
C LEU D 180 -7.17 -18.22 -41.78
N LEU D 181 -7.27 -17.91 -40.48
CA LEU D 181 -8.59 -17.57 -39.92
C LEU D 181 -9.14 -16.31 -40.55
N LYS D 182 -8.30 -15.27 -40.66
CA LYS D 182 -8.77 -14.02 -41.23
C LYS D 182 -9.33 -14.21 -42.64
N SER D 183 -8.63 -14.97 -43.48
CA SER D 183 -9.10 -15.09 -44.86
C SER D 183 -10.36 -15.95 -44.99
N LYS D 184 -10.53 -16.97 -44.15
CA LYS D 184 -11.73 -17.79 -44.28
C LYS D 184 -12.98 -17.10 -43.72
N TYR D 185 -12.84 -16.27 -42.70
CA TYR D 185 -14.02 -15.74 -42.02
C TYR D 185 -14.09 -14.21 -42.07
N GLY D 186 -13.38 -13.56 -42.99
CA GLY D 186 -13.46 -12.12 -43.10
C GLY D 186 -14.86 -11.61 -43.37
N LYS D 187 -15.75 -12.47 -43.86
CA LYS D 187 -17.16 -12.10 -44.05
C LYS D 187 -17.98 -12.21 -42.76
N ALA D 188 -17.36 -12.60 -41.63
CA ALA D 188 -18.11 -12.79 -40.40
C ALA D 188 -18.76 -11.49 -39.95
N LYS D 189 -19.97 -11.59 -39.44
CA LYS D 189 -20.65 -10.40 -38.96
C LYS D 189 -20.30 -10.08 -37.51
N LEU D 190 -20.27 -11.09 -36.65
CA LEU D 190 -19.82 -10.93 -35.27
C LEU D 190 -18.74 -11.95 -34.97
N VAL D 191 -17.76 -11.54 -34.16
CA VAL D 191 -16.68 -12.41 -33.71
C VAL D 191 -16.70 -12.38 -32.20
N VAL D 192 -16.81 -13.54 -31.58
CA VAL D 192 -17.02 -13.65 -30.14
C VAL D 192 -15.75 -14.24 -29.51
N PRO D 193 -15.00 -13.44 -28.74
CA PRO D 193 -13.86 -13.97 -27.97
C PRO D 193 -14.27 -14.49 -26.60
N SER D 194 -13.39 -15.33 -26.06
CA SER D 194 -13.59 -15.86 -24.72
C SER D 194 -13.52 -14.77 -23.66
N HIS D 195 -12.68 -13.76 -23.85
CA HIS D 195 -12.22 -12.94 -22.74
C HIS D 195 -12.35 -11.44 -22.99
N SER D 196 -13.01 -11.03 -24.07
CA SER D 196 -13.27 -9.62 -24.32
C SER D 196 -14.56 -9.50 -25.12
N GLU D 197 -14.92 -8.27 -25.47
CA GLU D 197 -16.25 -8.01 -25.96
C GLU D 197 -16.41 -8.44 -27.41
N VAL D 198 -17.65 -8.79 -27.76
CA VAL D 198 -18.00 -9.10 -29.14
C VAL D 198 -17.61 -7.95 -30.05
N GLY D 199 -17.08 -8.28 -31.22
CA GLY D 199 -16.69 -7.29 -32.20
C GLY D 199 -17.05 -7.74 -33.60
N ASP D 200 -16.57 -7.04 -34.61
CA ASP D 200 -16.84 -7.45 -35.99
C ASP D 200 -15.60 -8.17 -36.55
N ALA D 201 -15.56 -8.37 -37.86
CA ALA D 201 -14.45 -9.08 -38.48
C ALA D 201 -13.11 -8.39 -38.27
N SER D 202 -13.07 -7.15 -37.80
CA SER D 202 -11.80 -6.49 -37.54
C SER D 202 -11.03 -7.17 -36.41
N LEU D 203 -11.74 -7.88 -35.52
CA LEU D 203 -11.06 -8.66 -34.48
C LEU D 203 -10.13 -9.71 -35.10
N LEU D 204 -10.46 -10.21 -36.29
CA LEU D 204 -9.56 -11.14 -36.95
C LEU D 204 -8.26 -10.45 -37.37
N LYS D 205 -8.36 -9.22 -37.90
CA LYS D 205 -7.14 -8.50 -38.26
C LYS D 205 -6.33 -8.15 -37.02
N LEU D 206 -6.99 -7.69 -35.95
CA LEU D 206 -6.25 -7.32 -34.75
C LEU D 206 -5.56 -8.53 -34.14
N THR D 207 -6.21 -9.71 -34.19
CA THR D 207 -5.57 -10.91 -33.68
C THR D 207 -4.31 -11.21 -34.47
N LEU D 208 -4.37 -11.15 -35.81
CA LEU D 208 -3.20 -11.46 -36.63
C LEU D 208 -2.03 -10.52 -36.31
N GLU D 209 -2.32 -9.23 -36.13
CA GLU D 209 -1.29 -8.28 -35.73
C GLU D 209 -0.68 -8.65 -34.38
N GLN D 210 -1.52 -8.99 -33.39
CA GLN D 210 -0.97 -9.32 -32.08
C GLN D 210 -0.13 -10.59 -32.11
N ALA D 211 -0.53 -11.57 -32.94
CA ALA D 211 0.30 -12.76 -33.09
C ALA D 211 1.64 -12.40 -33.72
N VAL D 212 1.63 -11.57 -34.76
CA VAL D 212 2.88 -11.12 -35.36
C VAL D 212 3.74 -10.41 -34.32
N LYS D 213 3.10 -9.60 -33.46
CA LYS D 213 3.84 -8.79 -32.52
C LYS D 213 4.47 -9.65 -31.43
N GLY D 214 3.70 -10.63 -30.94
CA GLY D 214 4.24 -11.53 -29.95
C GLY D 214 5.43 -12.33 -30.47
N LEU D 215 5.40 -12.70 -31.75
CA LEU D 215 6.50 -13.46 -32.31
C LEU D 215 7.75 -12.60 -32.50
N ASN D 216 7.59 -11.30 -32.77
CA ASN D 216 8.74 -10.41 -32.79
C ASN D 216 9.27 -10.17 -31.39
N GLU D 217 8.38 -9.89 -30.44
CA GLU D 217 8.80 -9.63 -29.06
C GLU D 217 9.58 -10.78 -28.47
N SER D 218 9.44 -11.98 -29.02
CA SER D 218 10.15 -13.15 -28.51
C SER D 218 11.57 -13.25 -29.05
N LYS D 219 12.06 -12.20 -29.70
CA LYS D 219 13.42 -12.19 -30.27
C LYS D 219 14.14 -10.87 -29.98
#